data_1W7J
#
_entry.id   1W7J
#
_cell.length_a   169.684
_cell.length_b   95.988
_cell.length_c   84.306
_cell.angle_alpha   90.00
_cell.angle_beta   96.11
_cell.angle_gamma   90.00
#
_symmetry.space_group_name_H-M   'C 1 2 1'
#
loop_
_entity.id
_entity.type
_entity.pdbx_description
1 polymer 'MYOSIN VA'
2 polymer 'MYOSIN LIGHT CHAIN 1'
3 non-polymer 'MAGNESIUM ION'
4 non-polymer "ADENOSINE-5'-DIPHOSPHATE"
5 non-polymer 'BERYLLIUM TRIFLUORIDE ION'
6 water water
#
loop_
_entity_poly.entity_id
_entity_poly.type
_entity_poly.pdbx_seq_one_letter_code
_entity_poly.pdbx_strand_id
1 'polypeptide(L)'
;MAASELYTKYARVWIPDPEEVWKSAELLKDYKPGDKVLQLRLEEGKDLEYCLDPKTKELPPLRNPDILVGENDLTALSYL
HEPAVLHNLKVRFIDSKLIYTYCGIVLVAINPYEQLPIYGEDIINAYSGQNMGDMDPHIFAVAEEAYKQMARDERNQSII
VSGESGAGKTVSAKYAMRYFATVSGSASEANVEEKVLASNPIMESIGNAKTTRNDNSSRFGKYIEIGFDKRYRIIGANMR
TYLLEKSRVVFQAEEERNYHIFYQLCASAALPEFKTLRLGNANYFHYTKQGGSPVIDGIDDAKEMVNTRQACTLLGISDS
YQMGIFRILAGILHLGNVEFASRDSDSCAIPPKHDPLTIFCDLMGVDYEEMAHWLCHRKLATATETYIKPISKLHAINAR
DALAKHIYANLFNWIVDHVNKALHSTVKQHSFIGVLDIYGFETFEINSFEQFCINYANEKLQQQFNMHVFKLEQEEYMKE
QIPWTLIDFYDNQPCINLIEAKMGVLDLLDEECKMPKGSDDTWAQKLYNTHLNKCALFEKPRLSNKAFIIKHFADKVEYQ
CEGFLEKNKDTVYEEQIKVLKSSKKFKLLPELFQDEEKAISPTSATPSGRVPLSRTPVKPAKARPGQTSKEHKKTVGHQF
RNSLHLLMETLNATTPHYVRCIKPNDFKFPFTFDEKRAVQQLRACGVLETIRISAAGFPSRWTYQEFFSRYRVLMKQKDV
LSDRKQTCKNVLEKLILDKDKYQFGKTKIFFRAGQVAYLEKIRADKLRAACIRIQKTIRGWLMRKKYMRMRRGDA
;
A
2 'polypeptide(L)'
;MIEFNKDQLEEFKEAFELFDRVGDGKILYSQCGDVMRALGQNPTNAEVLKVLGNPKSDELKSRRVDFETFLPMLQAVAKN
RGQGTYEDYLEGFRVFDKEGNGKVMGAELRHVLTTLGEKMTEEEVETVLAGHEDSNGCINYEAFLKHILSV
;
B
#
loop_
_chem_comp.id
_chem_comp.type
_chem_comp.name
_chem_comp.formula
ADP non-polymer ADENOSINE-5'-DIPHOSPHATE 'C10 H15 N5 O10 P2'
BEF non-polymer 'BERYLLIUM TRIFLUORIDE ION' 'Be F3 -1'
MG non-polymer 'MAGNESIUM ION' 'Mg 2'
#
# COMPACT_ATOMS: atom_id res chain seq x y z
N ALA A 2 18.58 -11.91 -9.59
CA ALA A 2 19.70 -11.47 -8.68
C ALA A 2 21.04 -11.56 -9.42
N ALA A 3 21.50 -10.43 -9.97
CA ALA A 3 22.64 -10.37 -10.88
C ALA A 3 23.88 -9.76 -10.23
N SER A 4 24.80 -10.61 -9.77
CA SER A 4 26.01 -10.22 -9.04
C SER A 4 26.91 -9.22 -9.75
N GLU A 5 26.85 -9.20 -11.08
CA GLU A 5 27.68 -8.34 -11.92
C GLU A 5 27.37 -6.84 -11.71
N LEU A 6 26.19 -6.52 -11.19
CA LEU A 6 25.81 -5.13 -10.91
C LEU A 6 26.42 -4.60 -9.62
N TYR A 7 26.96 -5.48 -8.79
CA TYR A 7 27.51 -5.10 -7.50
C TYR A 7 28.98 -4.77 -7.65
N THR A 8 29.23 -3.64 -8.30
CA THR A 8 30.56 -3.13 -8.52
C THR A 8 30.82 -1.97 -7.58
N LYS A 9 32.06 -1.49 -7.57
CA LYS A 9 32.48 -0.39 -6.73
C LYS A 9 31.64 0.84 -7.06
N TYR A 10 31.25 1.58 -6.02
CA TYR A 10 30.36 2.75 -6.12
C TYR A 10 28.86 2.42 -6.21
N ALA A 11 28.50 1.15 -6.39
CA ALA A 11 27.09 0.75 -6.47
C ALA A 11 26.40 0.93 -5.11
N ARG A 12 25.26 1.62 -5.11
CA ARG A 12 24.50 1.84 -3.89
C ARG A 12 23.50 0.72 -3.64
N VAL A 13 23.47 0.25 -2.39
CA VAL A 13 22.52 -0.76 -1.92
C VAL A 13 21.73 -0.25 -0.70
N TRP A 14 20.72 -1.04 -0.32
CA TRP A 14 19.95 -0.86 0.91
C TRP A 14 20.26 -2.05 1.82
N ILE A 15 20.57 -1.77 3.07
CA ILE A 15 20.77 -2.82 4.08
C ILE A 15 19.87 -2.56 5.29
N PRO A 16 19.60 -3.58 6.10
CA PRO A 16 18.73 -3.40 7.29
C PRO A 16 19.18 -2.33 8.30
N ASP A 17 18.19 -1.72 8.95
CA ASP A 17 18.40 -0.68 9.96
C ASP A 17 17.19 -0.67 10.91
N PRO A 18 17.40 -0.82 12.21
CA PRO A 18 16.26 -0.86 13.15
C PRO A 18 15.31 0.36 13.09
N GLU A 19 15.85 1.58 13.02
CA GLU A 19 15.06 2.79 13.19
C GLU A 19 14.30 3.22 11.93
N GLU A 20 14.89 3.01 10.76
CA GLU A 20 14.25 3.42 9.50
C GLU A 20 13.99 2.25 8.53
N VAL A 21 14.05 1.03 9.06
CA VAL A 21 13.87 -0.23 8.31
C VAL A 21 15.03 -0.54 7.34
N TRP A 22 15.36 0.41 6.47
CA TRP A 22 16.51 0.29 5.57
C TRP A 22 17.35 1.55 5.65
N LYS A 23 18.64 1.39 5.38
CA LYS A 23 19.56 2.52 5.27
C LYS A 23 20.48 2.32 4.07
N SER A 24 20.94 3.42 3.49
CA SER A 24 21.73 3.38 2.27
C SER A 24 23.19 3.04 2.58
N ALA A 25 23.82 2.30 1.68
CA ALA A 25 25.23 1.96 1.77
C ALA A 25 25.82 1.91 0.36
N GLU A 26 27.15 2.04 0.27
CA GLU A 26 27.82 2.12 -1.03
C GLU A 26 29.00 1.16 -1.02
N LEU A 27 29.16 0.38 -2.10
CA LEU A 27 30.26 -0.56 -2.21
C LEU A 27 31.58 0.19 -2.40
N LEU A 28 32.59 -0.19 -1.63
CA LEU A 28 33.95 0.35 -1.77
C LEU A 28 34.83 -0.60 -2.58
N LYS A 29 34.26 -1.72 -3.02
CA LYS A 29 34.99 -2.71 -3.81
C LYS A 29 34.03 -3.63 -4.58
N ASP A 30 34.50 -4.17 -5.70
CA ASP A 30 33.73 -5.12 -6.50
C ASP A 30 33.40 -6.37 -5.68
N TYR A 31 32.17 -6.84 -5.83
CA TYR A 31 31.82 -8.17 -5.36
C TYR A 31 32.38 -9.18 -6.36
N LYS A 32 33.17 -10.13 -5.86
CA LYS A 32 33.65 -11.25 -6.65
C LYS A 32 32.85 -12.47 -6.21
N PRO A 33 32.40 -13.30 -7.15
CA PRO A 33 31.61 -14.50 -6.81
C PRO A 33 32.26 -15.35 -5.72
N GLY A 34 31.46 -15.80 -4.76
CA GLY A 34 31.95 -16.57 -3.63
C GLY A 34 32.44 -15.75 -2.45
N ASP A 35 32.37 -14.42 -2.55
CA ASP A 35 32.79 -13.54 -1.45
C ASP A 35 31.83 -13.72 -0.29
N LYS A 36 32.37 -13.74 0.93
CA LYS A 36 31.57 -13.96 2.13
C LYS A 36 31.00 -12.66 2.71
N VAL A 37 31.61 -11.53 2.35
CA VAL A 37 31.17 -10.21 2.80
C VAL A 37 31.15 -9.18 1.67
N LEU A 38 30.63 -7.98 1.98
CA LEU A 38 30.72 -6.81 1.12
C LEU A 38 31.40 -5.69 1.90
N GLN A 39 32.16 -4.86 1.19
CA GLN A 39 32.83 -3.70 1.78
C GLN A 39 31.99 -2.46 1.52
N LEU A 40 31.43 -1.88 2.58
CA LEU A 40 30.44 -0.80 2.46
C LEU A 40 30.78 0.47 3.25
N ARG A 41 30.48 1.62 2.66
CA ARG A 41 30.51 2.91 3.36
C ARG A 41 29.07 3.35 3.64
N LEU A 42 28.82 3.75 4.88
CA LEU A 42 27.51 4.24 5.30
C LEU A 42 27.48 5.76 5.21
N GLU A 43 26.37 6.36 5.66
CA GLU A 43 26.29 7.82 5.83
C GLU A 43 27.10 8.22 7.06
N GLU A 44 26.81 7.56 8.19
CA GLU A 44 27.52 7.79 9.44
C GLU A 44 28.17 6.50 9.95
N GLY A 45 29.36 6.65 10.56
CA GLY A 45 30.13 5.53 11.06
C GLY A 45 31.09 4.94 10.03
N LYS A 46 31.49 5.76 9.06
CA LYS A 46 32.43 5.37 8.00
C LYS A 46 32.14 3.99 7.37
N ASP A 47 33.03 3.02 7.60
CA ASP A 47 33.03 1.76 6.86
C ASP A 47 32.39 0.61 7.64
N LEU A 48 32.22 -0.53 6.96
CA LEU A 48 31.55 -1.70 7.52
C LEU A 48 31.84 -2.95 6.71
N GLU A 49 32.06 -4.06 7.41
CA GLU A 49 32.13 -5.38 6.77
C GLU A 49 30.77 -6.06 6.98
N TYR A 50 30.04 -6.25 5.88
CA TYR A 50 28.64 -6.71 5.90
C TYR A 50 28.56 -8.20 5.55
N CYS A 51 28.08 -9.02 6.49
CA CYS A 51 28.03 -10.46 6.29
C CYS A 51 26.84 -10.90 5.43
N LEU A 52 27.15 -11.60 4.33
CA LEU A 52 26.14 -12.22 3.48
C LEU A 52 25.85 -13.63 3.96
N ASP A 53 24.61 -13.89 4.37
CA ASP A 53 24.22 -15.23 4.83
C ASP A 53 24.34 -16.26 3.71
N PRO A 54 25.15 -17.31 3.88
CA PRO A 54 25.16 -18.44 2.95
C PRO A 54 23.88 -19.28 3.04
N LYS A 55 23.82 -20.38 2.29
CA LYS A 55 22.60 -21.20 2.13
C LYS A 55 21.53 -20.40 1.36
N THR A 56 20.90 -19.42 2.01
CA THR A 56 20.12 -18.40 1.33
C THR A 56 21.05 -17.28 0.86
N LYS A 57 21.82 -17.56 -0.19
CA LYS A 57 22.82 -16.61 -0.70
C LYS A 57 22.14 -15.50 -1.49
N GLU A 58 21.87 -14.39 -0.81
CA GLU A 58 21.27 -13.21 -1.45
C GLU A 58 22.05 -11.95 -1.14
N LEU A 59 22.20 -11.10 -2.15
CA LEU A 59 22.84 -9.80 -2.02
C LEU A 59 21.78 -8.77 -1.66
N PRO A 60 22.17 -7.66 -1.04
CA PRO A 60 21.19 -6.64 -0.64
C PRO A 60 20.57 -5.91 -1.83
N PRO A 61 19.33 -5.46 -1.71
CA PRO A 61 18.64 -4.76 -2.82
C PRO A 61 19.42 -3.55 -3.33
N LEU A 62 19.48 -3.38 -4.65
CA LEU A 62 20.13 -2.22 -5.26
C LEU A 62 19.24 -0.98 -5.21
N ARG A 63 19.87 0.16 -4.95
CA ARG A 63 19.19 1.46 -4.95
C ARG A 63 18.94 1.95 -6.35
N ASN A 64 17.75 2.48 -6.59
CA ASN A 64 17.48 3.17 -7.85
C ASN A 64 18.23 4.49 -7.90
N PRO A 65 18.65 4.90 -9.09
CA PRO A 65 19.24 6.24 -9.25
C PRO A 65 18.26 7.31 -8.77
N ASP A 66 18.79 8.30 -8.06
CA ASP A 66 18.00 9.40 -7.48
C ASP A 66 17.03 10.02 -8.49
N ILE A 67 17.50 10.17 -9.74
CA ILE A 67 16.68 10.76 -10.80
C ILE A 67 15.36 10.01 -11.09
N LEU A 68 15.32 8.70 -10.81
CA LEU A 68 14.11 7.90 -11.02
C LEU A 68 13.14 7.88 -9.83
N VAL A 69 13.56 8.48 -8.72
CA VAL A 69 12.82 8.42 -7.46
C VAL A 69 11.78 9.53 -7.35
N GLY A 70 10.59 9.18 -6.86
CA GLY A 70 9.54 10.14 -6.56
C GLY A 70 8.52 10.41 -7.67
N GLU A 71 8.46 9.55 -8.68
CA GLU A 71 7.46 9.69 -9.74
C GLU A 71 6.07 9.25 -9.27
N ASN A 72 5.06 9.53 -10.10
CA ASN A 72 3.66 9.31 -9.76
C ASN A 72 3.28 7.83 -9.70
N ASP A 73 4.07 6.99 -10.36
CA ASP A 73 3.97 5.54 -10.23
C ASP A 73 5.39 4.93 -10.23
N LEU A 74 5.44 3.61 -10.10
CA LEU A 74 6.72 2.88 -10.00
C LEU A 74 7.15 2.18 -11.31
N THR A 75 6.54 2.54 -12.44
CA THR A 75 6.77 1.80 -13.70
C THR A 75 8.11 2.02 -14.35
N ALA A 76 8.85 3.06 -13.95
CA ALA A 76 10.12 3.36 -14.58
C ALA A 76 11.30 3.09 -13.66
N LEU A 77 11.05 2.48 -12.50
CA LEU A 77 12.14 2.09 -11.61
C LEU A 77 13.01 1.01 -12.25
N SER A 78 14.31 1.06 -12.00
CA SER A 78 15.23 0.01 -12.42
C SER A 78 15.07 -1.24 -11.55
N TYR A 79 14.80 -1.01 -10.25
CA TYR A 79 14.78 -2.07 -9.25
C TYR A 79 13.50 -1.93 -8.42
N LEU A 80 12.73 -3.01 -8.36
CA LEU A 80 11.47 -3.04 -7.61
C LEU A 80 11.61 -3.98 -6.42
N HIS A 81 11.47 -3.42 -5.23
CA HIS A 81 11.54 -4.18 -3.99
C HIS A 81 11.02 -3.32 -2.84
N GLU A 82 10.97 -3.88 -1.64
CA GLU A 82 10.39 -3.18 -0.48
C GLU A 82 11.06 -1.82 -0.20
N PRO A 83 12.39 -1.78 -0.12
CA PRO A 83 13.07 -0.50 0.12
C PRO A 83 12.75 0.55 -0.95
N ALA A 84 12.60 0.16 -2.22
CA ALA A 84 12.31 1.11 -3.28
C ALA A 84 10.92 1.73 -3.10
N VAL A 85 9.94 0.91 -2.72
CA VAL A 85 8.56 1.37 -2.50
C VAL A 85 8.50 2.31 -1.29
N LEU A 86 9.09 1.87 -0.18
CA LEU A 86 9.16 2.69 1.02
C LEU A 86 9.79 4.07 0.73
N HIS A 87 10.88 4.05 -0.01
CA HIS A 87 11.65 5.26 -0.29
C HIS A 87 10.88 6.19 -1.21
N ASN A 88 10.26 5.65 -2.24
CA ASN A 88 9.47 6.46 -3.17
C ASN A 88 8.27 7.14 -2.48
N LEU A 89 7.58 6.40 -1.61
CA LEU A 89 6.45 6.93 -0.85
C LEU A 89 6.88 8.01 0.16
N LYS A 90 7.98 7.76 0.86
CA LYS A 90 8.49 8.66 1.88
C LYS A 90 8.93 9.99 1.27
N VAL A 91 9.71 9.93 0.19
CA VAL A 91 10.18 11.12 -0.51
C VAL A 91 9.03 11.96 -1.04
N ARG A 92 8.04 11.32 -1.65
CA ARG A 92 6.88 12.03 -2.16
C ARG A 92 6.11 12.71 -1.02
N PHE A 93 5.97 12.02 0.10
CA PHE A 93 5.18 12.51 1.24
C PHE A 93 5.89 13.64 2.00
N ILE A 94 7.13 13.41 2.42
CA ILE A 94 7.87 14.36 3.25
C ILE A 94 8.48 15.51 2.44
N ASP A 95 9.19 15.17 1.35
CA ASP A 95 9.88 16.20 0.59
C ASP A 95 8.92 17.04 -0.26
N SER A 96 7.83 16.45 -0.73
CA SER A 96 6.96 17.13 -1.69
C SER A 96 5.50 17.29 -1.27
N LYS A 97 5.16 16.81 -0.07
CA LYS A 97 3.79 16.85 0.44
C LYS A 97 2.76 16.25 -0.53
N LEU A 98 3.15 15.15 -1.18
CA LEU A 98 2.28 14.40 -2.09
C LEU A 98 1.79 13.14 -1.36
N ILE A 99 0.49 13.02 -1.20
CA ILE A 99 -0.09 11.93 -0.41
C ILE A 99 -0.59 10.76 -1.27
N TYR A 100 -0.76 11.01 -2.57
CA TYR A 100 -1.31 10.01 -3.50
C TYR A 100 -0.24 9.54 -4.48
N THR A 101 -0.15 8.23 -4.67
CA THR A 101 0.84 7.59 -5.56
C THR A 101 0.25 6.29 -6.07
N TYR A 102 0.48 5.95 -7.34
CA TYR A 102 0.08 4.65 -7.86
C TYR A 102 1.18 3.62 -7.65
N CYS A 103 0.77 2.45 -7.19
CA CYS A 103 1.66 1.31 -6.99
C CYS A 103 1.00 0.14 -7.68
N GLY A 104 1.48 -0.22 -8.87
CA GLY A 104 0.79 -1.19 -9.71
C GLY A 104 -0.63 -0.72 -9.99
N ILE A 105 -1.62 -1.57 -9.70
CA ILE A 105 -3.00 -1.22 -9.97
C ILE A 105 -3.67 -0.43 -8.85
N VAL A 106 -2.98 -0.23 -7.72
CA VAL A 106 -3.60 0.42 -6.56
C VAL A 106 -3.16 1.88 -6.39
N LEU A 107 -4.05 2.68 -5.79
CA LEU A 107 -3.74 4.01 -5.32
C LEU A 107 -3.36 3.92 -3.86
N VAL A 108 -2.18 4.40 -3.51
CA VAL A 108 -1.76 4.52 -2.12
C VAL A 108 -2.06 5.94 -1.66
N ALA A 109 -2.68 6.06 -0.49
CA ALA A 109 -3.09 7.36 0.06
C ALA A 109 -2.55 7.48 1.48
N ILE A 110 -1.61 8.39 1.72
CA ILE A 110 -1.00 8.55 3.04
C ILE A 110 -1.57 9.76 3.76
N ASN A 111 -2.12 9.54 4.96
CA ASN A 111 -2.88 10.54 5.69
C ASN A 111 -1.97 11.71 6.09
N PRO A 112 -2.22 12.92 5.58
CA PRO A 112 -1.38 14.07 5.92
C PRO A 112 -1.71 14.69 7.28
N TYR A 113 -2.88 14.41 7.84
CA TYR A 113 -3.40 15.08 9.03
C TYR A 113 -3.31 16.62 8.92
N GLU A 114 -3.52 17.11 7.69
CA GLU A 114 -3.50 18.53 7.37
C GLU A 114 -4.43 18.76 6.19
N GLN A 115 -5.18 19.84 6.20
CA GLN A 115 -6.10 20.15 5.12
C GLN A 115 -5.31 20.60 3.88
N LEU A 116 -5.61 19.97 2.74
CA LEU A 116 -4.92 20.25 1.50
C LEU A 116 -5.92 20.86 0.53
N PRO A 117 -5.49 21.75 -0.36
CA PRO A 117 -6.42 22.44 -1.25
C PRO A 117 -6.65 21.71 -2.59
N ILE A 118 -6.93 20.40 -2.54
CA ILE A 118 -7.03 19.57 -3.76
C ILE A 118 -8.38 18.87 -3.95
N TYR A 119 -9.39 19.28 -3.18
CA TYR A 119 -10.70 18.60 -3.21
C TYR A 119 -11.89 19.47 -3.62
N GLY A 120 -11.64 20.70 -4.07
CA GLY A 120 -12.73 21.59 -4.45
C GLY A 120 -13.40 21.19 -5.75
N GLU A 121 -14.53 21.83 -6.04
CA GLU A 121 -15.28 21.58 -7.28
C GLU A 121 -14.41 21.81 -8.51
N ASP A 122 -13.52 22.79 -8.47
CA ASP A 122 -12.58 23.00 -9.57
C ASP A 122 -11.72 21.75 -9.90
N ILE A 123 -11.34 20.99 -8.87
CA ILE A 123 -10.50 19.81 -9.05
C ILE A 123 -11.34 18.63 -9.53
N ILE A 124 -12.56 18.49 -9.02
CA ILE A 124 -13.51 17.51 -9.54
C ILE A 124 -13.69 17.71 -11.06
N ASN A 125 -13.93 18.96 -11.49
CA ASN A 125 -14.07 19.26 -12.92
C ASN A 125 -12.80 18.94 -13.70
N ALA A 126 -11.65 19.18 -13.08
CA ALA A 126 -10.37 18.92 -13.73
C ALA A 126 -10.13 17.43 -14.01
N TYR A 127 -10.62 16.54 -13.15
CA TYR A 127 -10.44 15.10 -13.32
C TYR A 127 -11.49 14.50 -14.27
N SER A 128 -12.63 15.17 -14.39
CA SER A 128 -13.72 14.71 -15.25
C SER A 128 -13.28 14.73 -16.73
N GLY A 129 -13.44 13.59 -17.38
CA GLY A 129 -13.17 13.46 -18.80
C GLY A 129 -11.70 13.41 -19.16
N GLN A 130 -10.85 13.10 -18.18
CA GLN A 130 -9.43 12.94 -18.40
C GLN A 130 -8.99 11.50 -18.15
N ASN A 131 -7.96 11.07 -18.87
CA ASN A 131 -7.33 9.76 -18.63
C ASN A 131 -6.51 9.79 -17.36
N MET A 132 -6.59 8.72 -16.58
CA MET A 132 -5.82 8.59 -15.35
C MET A 132 -4.33 8.86 -15.58
N GLY A 133 -3.80 8.39 -16.70
CA GLY A 133 -2.37 8.56 -17.00
C GLY A 133 -1.94 9.98 -17.33
N ASP A 134 -2.91 10.86 -17.61
CA ASP A 134 -2.66 12.29 -17.90
C ASP A 134 -2.78 13.19 -16.68
N MET A 135 -3.13 12.61 -15.53
CA MET A 135 -3.37 13.37 -14.32
C MET A 135 -2.48 12.87 -13.17
N ASP A 136 -2.25 13.73 -12.20
CA ASP A 136 -1.53 13.32 -11.00
C ASP A 136 -2.43 12.33 -10.25
N PRO A 137 -1.84 11.42 -9.49
CA PRO A 137 -2.64 10.49 -8.69
C PRO A 137 -3.58 11.23 -7.76
N HIS A 138 -4.81 10.73 -7.62
CA HIS A 138 -5.82 11.37 -6.78
C HIS A 138 -6.95 10.39 -6.58
N ILE A 139 -7.64 10.49 -5.45
CA ILE A 139 -8.85 9.70 -5.25
C ILE A 139 -9.89 9.97 -6.33
N PHE A 140 -9.97 11.20 -6.83
CA PHE A 140 -10.90 11.54 -7.91
C PHE A 140 -10.58 10.77 -9.19
N ALA A 141 -9.31 10.49 -9.44
CA ALA A 141 -8.93 9.72 -10.64
C ALA A 141 -9.42 8.27 -10.61
N VAL A 142 -9.44 7.67 -9.41
CA VAL A 142 -9.96 6.33 -9.24
C VAL A 142 -11.46 6.29 -9.45
N ALA A 143 -12.16 7.27 -8.88
CA ALA A 143 -13.60 7.39 -9.04
C ALA A 143 -13.97 7.61 -10.53
N GLU A 144 -13.21 8.47 -11.21
CA GLU A 144 -13.45 8.74 -12.63
C GLU A 144 -13.20 7.50 -13.48
N GLU A 145 -12.16 6.71 -13.16
CA GLU A 145 -11.88 5.52 -13.94
C GLU A 145 -12.95 4.45 -13.73
N ALA A 146 -13.46 4.30 -12.50
CA ALA A 146 -14.58 3.39 -12.26
C ALA A 146 -15.84 3.85 -13.00
N TYR A 147 -16.11 5.14 -13.02
CA TYR A 147 -17.29 5.67 -13.69
C TYR A 147 -17.24 5.38 -15.19
N LYS A 148 -16.08 5.64 -15.81
CA LYS A 148 -15.87 5.36 -17.23
C LYS A 148 -15.84 3.87 -17.57
N GLN A 149 -15.19 3.07 -16.74
CA GLN A 149 -15.14 1.62 -16.97
C GLN A 149 -16.54 1.00 -16.92
N MET A 150 -17.41 1.55 -16.08
CA MET A 150 -18.78 1.06 -15.94
C MET A 150 -19.50 1.05 -17.30
N ALA A 151 -19.42 2.17 -18.00
CA ALA A 151 -20.02 2.32 -19.33
C ALA A 151 -19.26 1.55 -20.41
N ARG A 152 -17.93 1.55 -20.35
CA ARG A 152 -17.09 1.00 -21.43
C ARG A 152 -17.09 -0.54 -21.45
N ASP A 153 -17.04 -1.15 -20.26
CA ASP A 153 -17.10 -2.61 -20.12
C ASP A 153 -18.52 -3.11 -19.94
N GLU A 154 -19.48 -2.20 -19.75
CA GLU A 154 -20.87 -2.58 -19.43
C GLU A 154 -20.89 -3.54 -18.23
N ARG A 155 -20.15 -3.18 -17.19
CA ARG A 155 -20.06 -3.97 -15.97
C ARG A 155 -20.12 -3.06 -14.76
N ASN A 156 -20.63 -3.60 -13.67
CA ASN A 156 -20.65 -2.88 -12.41
C ASN A 156 -19.25 -2.86 -11.80
N GLN A 157 -18.99 -1.85 -10.99
CA GLN A 157 -17.68 -1.61 -10.40
C GLN A 157 -17.76 -1.50 -8.88
N SER A 158 -16.63 -1.69 -8.21
CA SER A 158 -16.54 -1.44 -6.78
C SER A 158 -15.23 -0.69 -6.46
N ILE A 159 -15.29 0.17 -5.46
CA ILE A 159 -14.13 0.86 -4.92
C ILE A 159 -13.94 0.32 -3.50
N ILE A 160 -12.81 -0.34 -3.29
CA ILE A 160 -12.51 -0.95 -2.01
C ILE A 160 -11.40 -0.15 -1.39
N VAL A 161 -11.69 0.42 -0.23
CA VAL A 161 -10.76 1.28 0.48
C VAL A 161 -10.37 0.57 1.77
N SER A 162 -9.08 0.40 1.99
CA SER A 162 -8.57 -0.36 3.12
C SER A 162 -7.57 0.47 3.95
N GLY A 163 -7.25 -0.03 5.14
CA GLY A 163 -6.31 0.61 6.02
C GLY A 163 -6.66 0.46 7.49
N GLU A 164 -5.67 0.71 8.35
CA GLU A 164 -5.85 0.80 9.79
C GLU A 164 -6.80 1.89 10.18
N SER A 165 -7.26 1.83 11.42
CA SER A 165 -8.04 2.92 12.02
C SER A 165 -7.22 4.21 12.00
N GLY A 166 -7.82 5.29 11.51
CA GLY A 166 -7.14 6.57 11.34
C GLY A 166 -6.39 6.75 10.03
N ALA A 167 -6.38 5.74 9.16
CA ALA A 167 -5.61 5.80 7.91
C ALA A 167 -6.19 6.71 6.85
N GLY A 168 -7.51 6.92 6.87
CA GLY A 168 -8.17 7.73 5.86
C GLY A 168 -9.21 7.04 4.99
N LYS A 169 -9.70 5.86 5.40
CA LYS A 169 -10.70 5.14 4.62
C LYS A 169 -11.99 5.91 4.38
N THR A 170 -12.54 6.48 5.45
CA THR A 170 -13.83 7.13 5.41
C THR A 170 -13.73 8.46 4.68
N VAL A 171 -12.62 9.17 4.89
CA VAL A 171 -12.36 10.38 4.13
C VAL A 171 -12.29 10.05 2.64
N SER A 172 -11.56 8.98 2.27
CA SER A 172 -11.41 8.58 0.86
C SER A 172 -12.74 8.17 0.23
N ALA A 173 -13.54 7.42 0.98
CA ALA A 173 -14.81 6.93 0.49
C ALA A 173 -15.77 8.09 0.28
N LYS A 174 -15.72 9.09 1.17
CA LYS A 174 -16.61 10.23 1.03
C LYS A 174 -16.21 11.12 -0.15
N TYR A 175 -14.91 11.24 -0.41
CA TYR A 175 -14.47 11.99 -1.61
C TYR A 175 -14.86 11.28 -2.90
N ALA A 176 -14.81 9.95 -2.91
CA ALA A 176 -15.29 9.19 -4.05
C ALA A 176 -16.78 9.44 -4.30
N MET A 177 -17.59 9.38 -3.24
CA MET A 177 -19.02 9.60 -3.37
C MET A 177 -19.31 11.02 -3.85
N ARG A 178 -18.58 11.98 -3.30
CA ARG A 178 -18.73 13.39 -3.66
C ARG A 178 -18.42 13.59 -5.15
N TYR A 179 -17.43 12.86 -5.63
CA TYR A 179 -17.06 12.92 -7.03
C TYR A 179 -18.21 12.42 -7.91
N PHE A 180 -18.75 11.25 -7.60
CA PHE A 180 -19.86 10.71 -8.37
C PHE A 180 -21.09 11.63 -8.37
N ALA A 181 -21.35 12.28 -7.23
CA ALA A 181 -22.50 13.15 -7.07
C ALA A 181 -22.42 14.39 -7.94
N THR A 182 -21.21 14.85 -8.19
CA THR A 182 -20.96 16.05 -8.98
C THR A 182 -21.00 15.76 -10.48
N VAL A 183 -20.25 14.75 -10.94
CA VAL A 183 -20.07 14.53 -12.38
C VAL A 183 -21.21 13.78 -13.07
N SER A 184 -22.07 13.13 -12.29
CA SER A 184 -23.18 12.37 -12.84
C SER A 184 -24.51 12.74 -12.16
N GLY A 185 -24.72 14.03 -11.92
CA GLY A 185 -25.85 14.50 -11.15
C GLY A 185 -27.18 14.56 -11.88
N SER A 186 -28.15 15.18 -11.19
CA SER A 186 -29.55 15.34 -11.61
C SER A 186 -30.12 14.35 -12.64
N ALA A 187 -30.64 13.23 -12.15
CA ALA A 187 -31.52 12.37 -12.94
C ALA A 187 -32.95 12.92 -12.95
N SER A 188 -33.21 13.88 -12.06
CA SER A 188 -34.52 14.52 -11.93
C SER A 188 -34.41 15.76 -11.03
N GLU A 189 -35.56 16.34 -10.65
CA GLU A 189 -35.59 17.42 -9.65
C GLU A 189 -35.68 16.87 -8.22
N ALA A 190 -35.57 15.54 -8.07
CA ALA A 190 -35.70 14.90 -6.76
C ALA A 190 -34.49 15.10 -5.85
N ASN A 191 -33.48 15.85 -6.29
CA ASN A 191 -32.31 16.16 -5.47
C ASN A 191 -31.65 14.89 -4.92
N VAL A 192 -31.47 13.90 -5.79
CA VAL A 192 -31.01 12.58 -5.40
C VAL A 192 -29.65 12.63 -4.71
N GLU A 193 -28.74 13.42 -5.26
CA GLU A 193 -27.36 13.46 -4.83
C GLU A 193 -27.22 14.06 -3.43
N GLU A 194 -27.97 15.13 -3.17
CA GLU A 194 -28.03 15.75 -1.85
C GLU A 194 -28.50 14.73 -0.79
N LYS A 195 -29.44 13.88 -1.17
CA LYS A 195 -29.97 12.86 -0.26
C LYS A 195 -28.94 11.76 0.01
N VAL A 196 -28.24 11.30 -1.04
CA VAL A 196 -27.22 10.27 -0.86
C VAL A 196 -26.13 10.78 0.08
N LEU A 197 -25.70 12.03 -0.15
CA LEU A 197 -24.69 12.68 0.68
C LEU A 197 -25.13 12.90 2.13
N ALA A 198 -26.42 13.15 2.32
CA ALA A 198 -26.97 13.38 3.66
C ALA A 198 -26.98 12.11 4.52
N SER A 199 -26.87 10.94 3.89
CA SER A 199 -26.73 9.71 4.67
C SER A 199 -25.45 9.70 5.52
N ASN A 200 -24.41 10.39 5.05
CA ASN A 200 -23.13 10.47 5.76
C ASN A 200 -23.23 10.98 7.22
N PRO A 201 -23.73 12.19 7.47
CA PRO A 201 -23.84 12.68 8.85
C PRO A 201 -24.76 11.84 9.76
N ILE A 202 -25.79 11.22 9.20
CA ILE A 202 -26.65 10.34 9.99
C ILE A 202 -25.84 9.14 10.45
N MET A 203 -25.17 8.47 9.51
CA MET A 203 -24.46 7.24 9.82
C MET A 203 -23.26 7.50 10.75
N GLU A 204 -22.60 8.63 10.58
CA GLU A 204 -21.46 8.97 11.42
C GLU A 204 -21.92 9.28 12.86
N SER A 205 -23.09 9.89 13.03
CA SER A 205 -23.59 10.20 14.39
C SER A 205 -23.90 8.91 15.17
N ILE A 206 -24.44 7.90 14.50
CA ILE A 206 -24.84 6.67 15.20
C ILE A 206 -23.82 5.53 15.16
N GLY A 207 -22.81 5.66 14.29
CA GLY A 207 -21.86 4.58 14.04
C GLY A 207 -20.39 4.93 14.27
N ASN A 208 -20.11 6.20 14.51
CA ASN A 208 -18.75 6.65 14.77
C ASN A 208 -18.55 7.10 16.22
N ALA A 209 -17.32 7.01 16.68
CA ALA A 209 -16.97 7.37 18.05
C ALA A 209 -15.50 7.77 18.14
N LYS A 210 -15.17 8.61 19.11
CA LYS A 210 -13.78 8.91 19.44
C LYS A 210 -13.12 7.71 20.10
N THR A 211 -12.10 7.16 19.43
CA THR A 211 -11.19 6.21 20.06
C THR A 211 -9.84 6.89 20.23
N THR A 212 -8.89 6.20 20.86
CA THR A 212 -7.52 6.74 20.95
C THR A 212 -6.84 6.88 19.58
N ARG A 213 -7.21 6.05 18.61
CA ARG A 213 -6.57 6.11 17.29
C ARG A 213 -7.20 7.13 16.32
N ASN A 214 -8.48 7.43 16.51
CA ASN A 214 -9.19 8.31 15.60
C ASN A 214 -10.34 9.00 16.31
N ASP A 215 -10.39 10.33 16.24
CA ASP A 215 -11.44 11.12 16.86
C ASP A 215 -12.81 10.85 16.24
N ASN A 216 -12.79 10.37 14.99
CA ASN A 216 -14.00 10.03 14.25
C ASN A 216 -13.96 8.58 13.69
N SER A 217 -13.65 7.62 14.56
CA SER A 217 -13.55 6.22 14.16
C SER A 217 -14.91 5.62 13.80
N SER A 218 -14.94 4.95 12.66
CA SER A 218 -16.08 4.15 12.24
C SER A 218 -16.09 2.85 13.03
N ARG A 219 -17.12 2.64 13.82
CA ARG A 219 -17.26 1.38 14.57
C ARG A 219 -18.27 0.44 13.90
N PHE A 220 -18.24 0.43 12.57
CA PHE A 220 -19.02 -0.49 11.72
C PHE A 220 -18.38 -0.44 10.34
N GLY A 221 -18.62 -1.48 9.54
CA GLY A 221 -18.24 -1.50 8.14
C GLY A 221 -19.46 -1.13 7.32
N LYS A 222 -19.23 -0.49 6.18
CA LYS A 222 -20.29 -0.03 5.29
C LYS A 222 -19.99 -0.39 3.84
N TYR A 223 -20.97 -0.97 3.17
CA TYR A 223 -20.97 -1.11 1.73
C TYR A 223 -22.13 -0.24 1.21
N ILE A 224 -21.85 0.72 0.34
CA ILE A 224 -22.92 1.54 -0.26
C ILE A 224 -22.88 1.38 -1.77
N GLU A 225 -24.00 0.90 -2.32
CA GLU A 225 -24.15 0.67 -3.74
C GLU A 225 -24.87 1.88 -4.35
N ILE A 226 -24.14 2.66 -5.15
CA ILE A 226 -24.70 3.82 -5.82
C ILE A 226 -25.27 3.36 -7.16
N GLY A 227 -26.57 3.63 -7.36
CA GLY A 227 -27.27 3.19 -8.56
C GLY A 227 -27.30 4.26 -9.63
N PHE A 228 -27.15 3.83 -10.89
CA PHE A 228 -27.18 4.71 -12.06
C PHE A 228 -28.23 4.20 -13.06
N ASP A 229 -28.86 5.12 -13.79
CA ASP A 229 -29.81 4.76 -14.84
C ASP A 229 -29.04 4.52 -16.14
N LYS A 230 -29.76 4.31 -17.25
CA LYS A 230 -29.12 3.91 -18.51
C LYS A 230 -28.32 5.02 -19.18
N ARG A 231 -28.48 6.26 -18.71
CA ARG A 231 -27.62 7.37 -19.14
C ARG A 231 -26.52 7.69 -18.12
N TYR A 232 -26.30 6.75 -17.20
CA TYR A 232 -25.26 6.86 -16.18
C TYR A 232 -25.41 8.08 -15.28
N ARG A 233 -26.66 8.38 -14.93
CA ARG A 233 -26.97 9.41 -13.94
C ARG A 233 -27.37 8.73 -12.65
N ILE A 234 -27.02 9.32 -11.50
CA ILE A 234 -27.37 8.75 -10.21
C ILE A 234 -28.87 8.83 -9.95
N ILE A 235 -29.43 7.71 -9.51
CA ILE A 235 -30.84 7.62 -9.17
C ILE A 235 -31.11 7.21 -7.73
N GLY A 236 -30.05 6.94 -6.95
CA GLY A 236 -30.20 6.59 -5.55
C GLY A 236 -29.09 5.70 -5.03
N ALA A 237 -29.34 5.04 -3.91
CA ALA A 237 -28.36 4.15 -3.31
C ALA A 237 -28.98 3.19 -2.33
N ASN A 238 -28.20 2.18 -1.96
CA ASN A 238 -28.57 1.22 -0.96
C ASN A 238 -27.34 0.84 -0.12
N MET A 239 -27.52 0.76 1.19
CA MET A 239 -26.43 0.61 2.14
C MET A 239 -26.59 -0.68 2.93
N ARG A 240 -25.48 -1.40 3.11
CA ARG A 240 -25.40 -2.54 4.04
C ARG A 240 -24.33 -2.25 5.11
N THR A 241 -24.56 -2.70 6.34
CA THR A 241 -23.61 -2.47 7.43
C THR A 241 -23.21 -3.78 8.06
N TYR A 242 -22.05 -3.77 8.71
CA TYR A 242 -21.39 -4.96 9.22
C TYR A 242 -20.67 -4.63 10.51
N LEU A 243 -20.68 -5.59 11.45
CA LEU A 243 -19.82 -5.56 12.63
C LEU A 243 -19.92 -4.27 13.45
N LEU A 244 -21.15 -3.84 13.73
CA LEU A 244 -21.38 -2.72 14.64
C LEU A 244 -20.80 -3.07 16.01
N GLU A 245 -20.02 -2.17 16.58
CA GLU A 245 -19.41 -2.40 17.89
C GLU A 245 -20.41 -2.12 19.02
N LYS A 246 -21.23 -3.11 19.32
CA LYS A 246 -22.28 -2.96 20.33
C LYS A 246 -21.73 -2.68 21.73
N SER A 247 -20.57 -3.24 22.04
CA SER A 247 -19.97 -3.08 23.38
C SER A 247 -19.73 -1.61 23.76
N ARG A 248 -19.54 -0.74 22.76
CA ARG A 248 -19.25 0.68 23.00
C ARG A 248 -20.42 1.41 23.64
N VAL A 249 -21.64 0.94 23.38
CA VAL A 249 -22.83 1.52 23.98
C VAL A 249 -22.75 1.59 25.52
N VAL A 250 -22.11 0.60 26.13
CA VAL A 250 -22.10 0.46 27.58
C VAL A 250 -20.73 0.54 28.27
N PHE A 251 -19.67 0.64 27.48
CA PHE A 251 -18.30 0.63 27.99
C PHE A 251 -17.43 1.53 27.10
N GLN A 252 -16.55 2.29 27.73
CA GLN A 252 -15.47 2.97 27.03
C GLN A 252 -14.18 2.88 27.85
N ALA A 253 -13.08 2.64 27.18
CA ALA A 253 -11.76 2.71 27.79
C ALA A 253 -11.38 4.19 27.99
N GLU A 254 -10.32 4.42 28.76
CA GLU A 254 -9.86 5.78 29.03
C GLU A 254 -9.59 6.56 27.74
N GLU A 255 -10.01 7.81 27.75
CA GLU A 255 -9.90 8.75 26.63
C GLU A 255 -10.87 8.52 25.46
N GLU A 256 -11.75 7.54 25.57
CA GLU A 256 -12.66 7.20 24.47
C GLU A 256 -14.09 7.61 24.82
N ARG A 257 -14.89 7.89 23.78
CA ARG A 257 -16.30 8.25 23.95
C ARG A 257 -17.21 7.14 23.43
N ASN A 258 -18.46 7.17 23.89
CA ASN A 258 -19.56 6.46 23.25
C ASN A 258 -19.79 7.03 21.84
N TYR A 259 -20.78 6.49 21.13
CA TYR A 259 -21.16 7.01 19.81
C TYR A 259 -21.47 8.50 19.87
N HIS A 260 -21.11 9.23 18.82
CA HIS A 260 -21.23 10.69 18.79
C HIS A 260 -22.63 11.19 19.19
N ILE A 261 -23.67 10.50 18.75
CA ILE A 261 -25.04 10.99 18.93
C ILE A 261 -25.41 11.22 20.41
N PHE A 262 -24.83 10.45 21.32
CA PHE A 262 -25.14 10.60 22.74
C PHE A 262 -24.64 11.94 23.27
N TYR A 263 -23.50 12.39 22.75
CA TYR A 263 -22.90 13.66 23.14
C TYR A 263 -23.61 14.82 22.43
N GLN A 264 -24.11 14.58 21.22
CA GLN A 264 -24.97 15.56 20.51
C GLN A 264 -26.25 15.80 21.32
N LEU A 265 -26.82 14.73 21.86
CA LEU A 265 -28.05 14.79 22.64
C LEU A 265 -27.85 15.50 23.99
N CYS A 266 -26.83 15.07 24.74
CA CYS A 266 -26.54 15.65 26.04
C CYS A 266 -26.16 17.14 25.96
N ALA A 267 -25.48 17.52 24.87
CA ALA A 267 -25.12 18.92 24.62
C ALA A 267 -26.36 19.77 24.29
N SER A 268 -27.43 19.11 23.86
CA SER A 268 -28.69 19.76 23.55
C SER A 268 -29.73 19.65 24.68
N ALA A 269 -29.28 19.30 25.88
CA ALA A 269 -30.21 18.98 26.99
C ALA A 269 -31.15 20.13 27.36
N ALA A 270 -30.74 21.36 27.09
CA ALA A 270 -31.47 22.57 27.45
C ALA A 270 -32.46 23.03 26.37
N LEU A 271 -32.49 22.35 25.23
CA LEU A 271 -33.46 22.69 24.19
C LEU A 271 -34.88 22.35 24.68
N PRO A 272 -35.83 23.28 24.47
CA PRO A 272 -37.21 23.09 24.96
C PRO A 272 -37.84 21.77 24.50
N GLU A 273 -37.67 21.46 23.22
CA GLU A 273 -38.15 20.21 22.63
C GLU A 273 -37.61 18.92 23.31
N PHE A 274 -36.49 19.03 24.02
CA PHE A 274 -35.89 17.91 24.74
C PHE A 274 -36.12 17.90 26.26
N LYS A 275 -37.01 18.75 26.75
CA LYS A 275 -37.30 18.82 28.19
C LYS A 275 -37.66 17.47 28.78
N THR A 276 -38.54 16.73 28.12
CA THR A 276 -39.03 15.46 28.68
C THR A 276 -37.98 14.34 28.68
N LEU A 277 -36.82 14.59 28.05
CA LEU A 277 -35.73 13.62 28.04
C LEU A 277 -34.94 13.65 29.33
N ARG A 278 -35.15 14.70 30.14
CA ARG A 278 -34.50 14.85 31.44
C ARG A 278 -33.02 14.49 31.37
N LEU A 279 -32.33 15.06 30.39
CA LEU A 279 -30.92 14.77 30.14
C LEU A 279 -30.01 15.60 31.02
N GLY A 280 -29.00 14.98 31.59
CA GLY A 280 -27.88 15.70 32.19
C GLY A 280 -26.81 15.90 31.13
N ASN A 281 -25.68 16.45 31.54
CA ASN A 281 -24.53 16.55 30.63
C ASN A 281 -23.87 15.18 30.47
N ALA A 282 -22.80 15.11 29.68
CA ALA A 282 -22.24 13.80 29.31
C ALA A 282 -21.54 13.10 30.49
N ASN A 283 -21.09 13.89 31.48
CA ASN A 283 -20.53 13.33 32.70
C ASN A 283 -21.56 12.79 33.70
N TYR A 284 -22.84 13.05 33.47
CA TYR A 284 -23.91 12.59 34.36
C TYR A 284 -24.26 11.09 34.18
N PHE A 285 -24.10 10.57 32.97
CA PHE A 285 -24.49 9.19 32.65
C PHE A 285 -23.32 8.22 32.68
N HIS A 286 -23.52 7.09 33.36
CA HIS A 286 -22.58 5.98 33.38
C HIS A 286 -22.11 5.58 31.96
N TYR A 287 -23.04 5.53 31.01
CA TYR A 287 -22.76 5.07 29.64
C TYR A 287 -22.01 6.07 28.75
N THR A 288 -21.86 7.33 29.18
CA THR A 288 -21.08 8.31 28.41
C THR A 288 -19.86 8.89 29.13
N LYS A 289 -19.66 8.56 30.42
CA LYS A 289 -18.67 9.25 31.24
C LYS A 289 -17.39 8.45 31.48
N GLN A 290 -17.40 7.17 31.12
CA GLN A 290 -16.34 6.26 31.53
C GLN A 290 -14.96 6.62 31.02
N GLY A 291 -14.86 7.26 29.85
CA GLY A 291 -13.57 7.63 29.27
C GLY A 291 -12.92 8.88 29.84
N GLY A 292 -13.69 9.70 30.56
CA GLY A 292 -13.20 10.99 31.06
C GLY A 292 -12.86 11.95 29.94
N SER A 293 -13.63 11.90 28.86
CA SER A 293 -13.36 12.69 27.67
C SER A 293 -14.65 13.17 27.01
N PRO A 294 -15.43 13.99 27.71
CA PRO A 294 -16.74 14.43 27.19
C PRO A 294 -16.66 15.26 25.90
N VAL A 295 -15.54 15.93 25.65
CA VAL A 295 -15.40 16.81 24.50
C VAL A 295 -14.26 16.37 23.55
N ILE A 296 -14.49 16.49 22.26
CA ILE A 296 -13.46 16.30 21.22
C ILE A 296 -13.00 17.67 20.74
N ASP A 297 -11.68 17.91 20.80
CA ASP A 297 -11.06 19.12 20.26
C ASP A 297 -11.60 19.46 18.87
N GLY A 298 -12.21 20.63 18.75
CA GLY A 298 -12.69 21.11 17.45
C GLY A 298 -14.06 20.64 17.02
N ILE A 299 -14.73 19.81 17.82
CA ILE A 299 -16.09 19.36 17.53
C ILE A 299 -17.06 20.02 18.50
N ASP A 300 -18.07 20.68 17.96
CA ASP A 300 -19.16 21.25 18.76
C ASP A 300 -20.36 20.30 18.64
N ASP A 301 -20.59 19.50 19.68
CA ASP A 301 -21.61 18.46 19.63
C ASP A 301 -23.04 19.00 19.45
N ALA A 302 -23.32 20.18 19.99
CA ALA A 302 -24.64 20.81 19.84
C ALA A 302 -24.91 21.17 18.38
N LYS A 303 -23.89 21.72 17.73
CA LYS A 303 -23.99 22.11 16.32
C LYS A 303 -24.07 20.87 15.44
N GLU A 304 -23.39 19.79 15.82
CA GLU A 304 -23.50 18.54 15.08
C GLU A 304 -24.91 17.95 15.17
N MET A 305 -25.57 18.11 16.32
CA MET A 305 -26.96 17.67 16.50
C MET A 305 -27.90 18.36 15.49
N VAL A 306 -27.69 19.67 15.32
CA VAL A 306 -28.45 20.44 14.34
C VAL A 306 -28.28 19.82 12.96
N ASN A 307 -27.04 19.54 12.58
CA ASN A 307 -26.75 18.91 11.29
C ASN A 307 -27.38 17.51 11.15
N THR A 308 -27.40 16.75 12.24
CA THR A 308 -27.97 15.41 12.22
C THR A 308 -29.47 15.46 11.97
N ARG A 309 -30.15 16.37 12.66
CA ARG A 309 -31.60 16.54 12.51
C ARG A 309 -31.98 17.06 11.12
N GLN A 310 -31.20 17.98 10.60
CA GLN A 310 -31.43 18.47 9.25
C GLN A 310 -31.30 17.37 8.21
N ALA A 311 -30.30 16.51 8.39
CA ALA A 311 -30.10 15.39 7.49
C ALA A 311 -31.30 14.43 7.59
N CYS A 312 -31.75 14.15 8.80
CA CYS A 312 -32.87 13.23 9.00
C CYS A 312 -34.14 13.74 8.29
N THR A 313 -34.40 15.04 8.41
CA THR A 313 -35.53 15.69 7.75
C THR A 313 -35.41 15.59 6.23
N LEU A 314 -34.22 15.80 5.68
CA LEU A 314 -33.99 15.65 4.24
C LEU A 314 -34.31 14.24 3.76
N LEU A 315 -34.01 13.24 4.58
CA LEU A 315 -34.28 11.84 4.25
C LEU A 315 -35.66 11.35 4.71
N GLY A 316 -36.56 12.28 5.04
CA GLY A 316 -37.96 11.95 5.26
C GLY A 316 -38.29 11.35 6.61
N ILE A 317 -37.44 11.53 7.60
CA ILE A 317 -37.78 11.10 8.95
C ILE A 317 -38.53 12.24 9.62
N SER A 318 -39.82 12.02 9.87
CA SER A 318 -40.69 13.04 10.44
C SER A 318 -40.21 13.51 11.80
N ASP A 319 -40.69 14.68 12.22
CA ASP A 319 -40.36 15.22 13.54
C ASP A 319 -40.70 14.24 14.67
N SER A 320 -41.81 13.53 14.56
CA SER A 320 -42.22 12.64 15.64
C SER A 320 -41.38 11.35 15.66
N TYR A 321 -40.94 10.87 14.51
CA TYR A 321 -40.05 9.72 14.47
C TYR A 321 -38.64 10.11 14.99
N GLN A 322 -38.19 11.32 14.66
CA GLN A 322 -36.95 11.85 15.22
C GLN A 322 -37.03 11.96 16.72
N MET A 323 -38.14 12.48 17.26
CA MET A 323 -38.32 12.59 18.69
C MET A 323 -38.33 11.19 19.33
N GLY A 324 -38.92 10.23 18.64
CA GLY A 324 -38.89 8.85 19.07
C GLY A 324 -37.46 8.30 19.14
N ILE A 325 -36.66 8.59 18.13
CA ILE A 325 -35.25 8.17 18.14
C ILE A 325 -34.56 8.75 19.37
N PHE A 326 -34.77 10.04 19.63
CA PHE A 326 -34.11 10.69 20.76
C PHE A 326 -34.66 10.21 22.10
N ARG A 327 -35.94 9.84 22.16
CA ARG A 327 -36.52 9.26 23.38
C ARG A 327 -35.83 7.94 23.70
N ILE A 328 -35.59 7.13 22.67
CA ILE A 328 -34.98 5.81 22.86
C ILE A 328 -33.51 5.96 23.27
N LEU A 329 -32.81 6.92 22.67
CA LEU A 329 -31.41 7.18 23.03
C LEU A 329 -31.30 7.68 24.47
N ALA A 330 -32.15 8.60 24.85
CA ALA A 330 -32.17 9.10 26.22
C ALA A 330 -32.55 7.99 27.21
N GLY A 331 -33.46 7.11 26.79
CA GLY A 331 -33.84 5.96 27.59
C GLY A 331 -32.66 5.05 27.86
N ILE A 332 -31.85 4.79 26.84
CA ILE A 332 -30.64 3.97 27.01
C ILE A 332 -29.70 4.63 28.05
N LEU A 333 -29.52 5.95 27.97
CA LEU A 333 -28.68 6.65 28.95
C LEU A 333 -29.21 6.52 30.40
N HIS A 334 -30.52 6.69 30.58
CA HIS A 334 -31.11 6.57 31.93
C HIS A 334 -31.02 5.14 32.43
N LEU A 335 -31.22 4.19 31.53
CA LEU A 335 -31.08 2.77 31.88
C LEU A 335 -29.71 2.46 32.46
N GLY A 336 -28.67 3.05 31.88
CA GLY A 336 -27.32 2.89 32.38
C GLY A 336 -27.10 3.41 33.79
N ASN A 337 -27.92 4.36 34.22
CA ASN A 337 -27.85 4.89 35.59
C ASN A 337 -28.70 4.11 36.60
N VAL A 338 -29.37 3.06 36.16
CA VAL A 338 -30.13 2.21 37.08
C VAL A 338 -29.16 1.44 37.96
N GLU A 339 -29.36 1.55 39.28
CA GLU A 339 -28.50 0.88 40.23
C GLU A 339 -29.25 -0.28 40.88
N PHE A 340 -28.50 -1.33 41.20
CA PHE A 340 -29.02 -2.47 41.91
C PHE A 340 -28.38 -2.53 43.30
N ALA A 341 -29.19 -2.88 44.30
CA ALA A 341 -28.72 -3.19 45.65
C ALA A 341 -28.77 -4.69 45.84
N SER A 342 -27.66 -5.30 46.21
CA SER A 342 -27.64 -6.74 46.47
C SER A 342 -28.40 -7.06 47.75
N ARG A 343 -29.13 -8.17 47.75
CA ARG A 343 -29.81 -8.70 48.93
C ARG A 343 -28.96 -9.81 49.53
N ASP A 344 -28.54 -10.74 48.67
CA ASP A 344 -27.53 -11.75 49.02
C ASP A 344 -26.71 -12.11 47.76
N SER A 345 -25.95 -13.20 47.81
CA SER A 345 -25.08 -13.57 46.69
C SER A 345 -25.81 -13.93 45.38
N ASP A 346 -27.11 -14.22 45.45
CA ASP A 346 -27.89 -14.63 44.27
C ASP A 346 -29.17 -13.84 44.05
N SER A 347 -29.32 -12.70 44.71
CA SER A 347 -30.50 -11.86 44.51
C SER A 347 -30.19 -10.38 44.67
N CYS A 348 -30.96 -9.54 44.00
CA CYS A 348 -30.81 -8.09 44.06
C CYS A 348 -32.17 -7.40 43.91
N ALA A 349 -32.17 -6.09 44.02
CA ALA A 349 -33.40 -5.31 43.90
C ALA A 349 -33.06 -3.91 43.44
N ILE A 350 -34.01 -3.26 42.79
CA ILE A 350 -33.88 -1.84 42.51
C ILE A 350 -34.51 -1.08 43.68
N PRO A 351 -33.83 -0.04 44.18
CA PRO A 351 -34.36 0.76 45.29
C PRO A 351 -35.74 1.37 45.00
N PRO A 352 -36.54 1.63 46.04
CA PRO A 352 -37.83 2.28 45.85
C PRO A 352 -37.69 3.65 45.20
N LYS A 353 -38.62 4.00 44.32
CA LYS A 353 -38.72 5.34 43.73
C LYS A 353 -37.42 5.74 43.01
N HIS A 354 -36.80 4.78 42.33
CA HIS A 354 -35.52 4.99 41.66
C HIS A 354 -35.70 5.80 40.38
N ASP A 355 -35.25 7.06 40.43
CA ASP A 355 -35.47 8.03 39.36
C ASP A 355 -35.02 7.57 37.95
N PRO A 356 -33.82 7.02 37.82
CA PRO A 356 -33.37 6.55 36.50
C PRO A 356 -34.34 5.53 35.88
N LEU A 357 -34.86 4.59 36.67
CA LEU A 357 -35.84 3.64 36.15
C LEU A 357 -37.19 4.32 35.84
N THR A 358 -37.63 5.21 36.72
CA THR A 358 -38.85 5.96 36.48
C THR A 358 -38.79 6.71 35.17
N ILE A 359 -37.69 7.43 34.93
CA ILE A 359 -37.50 8.15 33.67
C ILE A 359 -37.43 7.19 32.47
N PHE A 360 -36.67 6.11 32.59
CA PHE A 360 -36.58 5.10 31.52
C PHE A 360 -37.98 4.61 31.13
N CYS A 361 -38.77 4.26 32.13
CA CYS A 361 -40.12 3.71 31.89
C CYS A 361 -41.08 4.75 31.28
N ASP A 362 -40.97 6.02 31.65
CA ASP A 362 -41.74 7.09 30.99
C ASP A 362 -41.35 7.23 29.51
N LEU A 363 -40.06 7.26 29.25
CA LEU A 363 -39.54 7.43 27.90
C LEU A 363 -39.88 6.27 26.98
N MET A 364 -39.91 5.07 27.53
CA MET A 364 -40.13 3.86 26.73
C MET A 364 -41.61 3.45 26.71
N GLY A 365 -42.42 4.10 27.54
CA GLY A 365 -43.86 3.81 27.59
C GLY A 365 -44.19 2.46 28.19
N VAL A 366 -43.47 2.08 29.24
CA VAL A 366 -43.67 0.80 29.90
C VAL A 366 -43.84 1.02 31.40
N ASP A 367 -44.24 -0.03 32.10
CA ASP A 367 -44.61 0.06 33.51
C ASP A 367 -43.41 -0.23 34.41
N TYR A 368 -43.14 0.69 35.35
CA TYR A 368 -42.03 0.59 36.30
C TYR A 368 -41.98 -0.75 37.01
N GLU A 369 -43.11 -1.17 37.55
CA GLU A 369 -43.23 -2.46 38.25
C GLU A 369 -42.74 -3.64 37.43
N GLU A 370 -43.20 -3.71 36.19
CA GLU A 370 -42.87 -4.83 35.31
C GLU A 370 -41.39 -4.83 34.95
N MET A 371 -40.84 -3.67 34.60
CA MET A 371 -39.44 -3.53 34.19
C MET A 371 -38.51 -3.85 35.35
N ALA A 372 -38.83 -3.31 36.53
CA ALA A 372 -38.05 -3.56 37.75
C ALA A 372 -37.96 -5.05 38.04
N HIS A 373 -39.07 -5.75 37.86
CA HIS A 373 -39.10 -7.17 38.16
C HIS A 373 -38.17 -7.97 37.23
N TRP A 374 -38.27 -7.71 35.92
CA TRP A 374 -37.51 -8.49 34.95
C TRP A 374 -36.05 -8.05 34.79
N LEU A 375 -35.70 -6.91 35.37
CA LEU A 375 -34.30 -6.52 35.55
C LEU A 375 -33.63 -7.29 36.70
N CYS A 376 -34.43 -7.89 37.58
CA CYS A 376 -33.91 -8.57 38.75
C CYS A 376 -34.27 -10.06 38.84
N HIS A 377 -34.93 -10.59 37.80
CA HIS A 377 -35.31 -12.00 37.72
C HIS A 377 -35.15 -12.53 36.30
N ARG A 378 -34.92 -13.84 36.19
CA ARG A 378 -34.83 -14.52 34.91
C ARG A 378 -35.84 -15.67 34.85
N LYS A 379 -36.37 -15.91 33.66
CA LYS A 379 -37.24 -17.04 33.40
C LYS A 379 -36.40 -18.12 32.74
N LEU A 380 -36.20 -19.25 33.44
CA LEU A 380 -35.54 -20.43 32.90
C LEU A 380 -36.57 -21.42 32.37
N ALA A 381 -36.11 -22.42 31.63
CA ALA A 381 -37.02 -23.41 31.05
C ALA A 381 -36.34 -24.75 30.78
N THR A 382 -36.59 -25.71 31.68
CA THR A 382 -36.29 -27.12 31.42
C THR A 382 -37.26 -27.66 30.36
N ALA A 383 -37.15 -28.94 30.02
CA ALA A 383 -38.00 -29.55 29.00
C ALA A 383 -39.48 -29.60 29.43
N THR A 384 -39.71 -29.98 30.68
CA THR A 384 -41.05 -30.19 31.21
C THR A 384 -41.79 -28.89 31.56
N GLU A 385 -41.11 -28.01 32.31
CA GLU A 385 -41.74 -26.78 32.82
C GLU A 385 -40.83 -25.56 32.83
N THR A 386 -41.42 -24.40 33.07
CA THR A 386 -40.70 -23.13 33.21
C THR A 386 -40.72 -22.68 34.67
N TYR A 387 -39.71 -21.91 35.05
CA TYR A 387 -39.70 -21.28 36.37
C TYR A 387 -38.88 -19.98 36.40
N ILE A 388 -39.03 -19.22 37.49
CA ILE A 388 -38.40 -17.92 37.64
C ILE A 388 -37.47 -17.91 38.85
N LYS A 389 -36.24 -17.43 38.63
CA LYS A 389 -35.24 -17.34 39.68
C LYS A 389 -34.77 -15.89 39.82
N PRO A 390 -34.37 -15.50 41.03
CA PRO A 390 -33.66 -14.23 41.19
C PRO A 390 -32.25 -14.30 40.59
N ILE A 391 -31.65 -13.14 40.36
CA ILE A 391 -30.28 -13.07 39.86
C ILE A 391 -29.45 -12.14 40.72
N SER A 392 -28.15 -12.37 40.72
CA SER A 392 -27.20 -11.57 41.48
C SER A 392 -27.10 -10.17 40.87
N LYS A 393 -26.65 -9.22 41.68
CA LYS A 393 -26.39 -7.87 41.22
C LYS A 393 -25.47 -7.89 39.98
N LEU A 394 -24.41 -8.69 40.00
CA LEU A 394 -23.47 -8.74 38.87
C LEU A 394 -24.15 -9.21 37.59
N HIS A 395 -24.98 -10.23 37.71
CA HIS A 395 -25.71 -10.75 36.56
C HIS A 395 -26.81 -9.79 36.08
N ALA A 396 -27.44 -9.07 37.01
CA ALA A 396 -28.41 -8.03 36.66
C ALA A 396 -27.74 -6.89 35.87
N ILE A 397 -26.58 -6.46 36.34
CA ILE A 397 -25.80 -5.43 35.66
C ILE A 397 -25.46 -5.86 34.23
N ASN A 398 -24.96 -7.08 34.06
CA ASN A 398 -24.58 -7.58 32.73
C ASN A 398 -25.80 -7.75 31.81
N ALA A 399 -26.92 -8.18 32.38
CA ALA A 399 -28.15 -8.33 31.60
C ALA A 399 -28.71 -6.97 31.19
N ARG A 400 -28.59 -6.00 32.08
CA ARG A 400 -29.03 -4.62 31.81
C ARG A 400 -28.23 -4.03 30.64
N ASP A 401 -26.93 -4.26 30.64
CA ASP A 401 -26.07 -3.79 29.57
C ASP A 401 -26.39 -4.50 28.26
N ALA A 402 -26.70 -5.80 28.33
CA ALA A 402 -27.11 -6.59 27.15
C ALA A 402 -28.37 -5.99 26.51
N LEU A 403 -29.29 -5.55 27.36
CA LEU A 403 -30.53 -4.94 26.89
C LEU A 403 -30.20 -3.60 26.20
N ALA A 404 -29.39 -2.77 26.85
CA ALA A 404 -29.00 -1.47 26.29
C ALA A 404 -28.37 -1.64 24.89
N LYS A 405 -27.49 -2.61 24.75
CA LYS A 405 -26.81 -2.90 23.49
C LYS A 405 -27.79 -3.34 22.41
N HIS A 406 -28.72 -4.19 22.82
CA HIS A 406 -29.73 -4.75 21.94
C HIS A 406 -30.67 -3.66 21.42
N ILE A 407 -31.08 -2.76 22.31
CA ILE A 407 -31.90 -1.61 21.93
C ILE A 407 -31.17 -0.76 20.89
N TYR A 408 -29.92 -0.43 21.18
CA TYR A 408 -29.13 0.41 20.28
C TYR A 408 -28.93 -0.23 18.93
N ALA A 409 -28.60 -1.52 18.89
CA ALA A 409 -28.30 -2.22 17.64
C ALA A 409 -29.56 -2.25 16.76
N ASN A 410 -30.71 -2.43 17.39
CA ASN A 410 -31.97 -2.45 16.66
C ASN A 410 -32.42 -1.05 16.21
N LEU A 411 -32.12 -0.03 17.00
CA LEU A 411 -32.35 1.37 16.58
C LEU A 411 -31.47 1.70 15.38
N PHE A 412 -30.19 1.32 15.45
CA PHE A 412 -29.25 1.49 14.34
C PHE A 412 -29.80 0.87 13.07
N ASN A 413 -30.24 -0.38 13.15
CA ASN A 413 -30.76 -1.09 11.97
C ASN A 413 -32.02 -0.43 11.41
N TRP A 414 -32.84 0.13 12.31
CA TRP A 414 -34.08 0.80 11.90
C TRP A 414 -33.74 2.06 11.11
N ILE A 415 -32.75 2.83 11.57
CA ILE A 415 -32.32 4.03 10.87
C ILE A 415 -31.72 3.70 9.50
N VAL A 416 -30.88 2.68 9.43
CA VAL A 416 -30.30 2.25 8.16
C VAL A 416 -31.42 1.87 7.19
N ASP A 417 -32.37 1.07 7.66
CA ASP A 417 -33.52 0.69 6.84
C ASP A 417 -34.27 1.91 6.30
N HIS A 418 -34.48 2.92 7.13
CA HIS A 418 -35.24 4.09 6.73
C HIS A 418 -34.44 5.05 5.84
N VAL A 419 -33.12 5.07 6.03
CA VAL A 419 -32.24 5.73 5.07
C VAL A 419 -32.35 5.03 3.70
N ASN A 420 -32.37 3.71 3.69
CA ASN A 420 -32.46 2.95 2.44
C ASN A 420 -33.80 3.21 1.71
N LYS A 421 -34.87 3.35 2.47
CA LYS A 421 -36.19 3.68 1.92
C LYS A 421 -36.17 5.05 1.26
N ALA A 422 -35.52 6.03 1.88
CA ALA A 422 -35.43 7.36 1.32
C ALA A 422 -34.55 7.43 0.06
N LEU A 423 -33.59 6.52 -0.07
CA LEU A 423 -32.62 6.53 -1.17
C LEU A 423 -32.97 5.52 -2.27
N HIS A 424 -34.10 4.84 -2.10
CA HIS A 424 -34.56 3.81 -3.04
C HIS A 424 -35.17 4.43 -4.29
N SER A 425 -34.78 3.91 -5.45
CA SER A 425 -35.34 4.32 -6.75
C SER A 425 -36.49 3.40 -7.14
N THR A 426 -37.58 3.98 -7.63
CA THR A 426 -38.72 3.17 -8.08
C THR A 426 -38.40 2.38 -9.34
N VAL A 427 -37.53 2.93 -10.18
CA VAL A 427 -37.03 2.21 -11.34
C VAL A 427 -35.70 1.54 -10.99
N LYS A 428 -35.61 0.24 -11.28
CA LYS A 428 -34.39 -0.56 -11.05
C LYS A 428 -33.20 0.07 -11.74
N GLN A 429 -32.09 0.14 -11.02
CA GLN A 429 -30.85 0.67 -11.55
C GLN A 429 -30.40 -0.13 -12.78
N HIS A 430 -29.80 0.55 -13.74
CA HIS A 430 -29.16 -0.06 -14.89
C HIS A 430 -27.80 -0.64 -14.50
N SER A 431 -27.07 0.13 -13.69
CA SER A 431 -25.74 -0.27 -13.23
C SER A 431 -25.45 0.33 -11.85
N PHE A 432 -24.33 -0.07 -11.27
CA PHE A 432 -23.92 0.47 -9.97
C PHE A 432 -22.41 0.53 -9.76
N ILE A 433 -22.01 1.39 -8.84
CA ILE A 433 -20.66 1.43 -8.31
C ILE A 433 -20.80 1.30 -6.79
N GLY A 434 -20.17 0.28 -6.24
CA GLY A 434 -20.26 0.00 -4.81
C GLY A 434 -19.00 0.51 -4.15
N VAL A 435 -19.14 1.13 -2.98
CA VAL A 435 -18.04 1.65 -2.21
C VAL A 435 -18.01 0.93 -0.85
N LEU A 436 -16.88 0.29 -0.55
CA LEU A 436 -16.70 -0.49 0.68
C LEU A 436 -15.68 0.18 1.57
N ASP A 437 -16.09 0.48 2.80
CA ASP A 437 -15.29 1.11 3.85
C ASP A 437 -15.46 0.23 5.10
N ILE A 438 -14.51 -0.68 5.32
CA ILE A 438 -14.57 -1.63 6.44
C ILE A 438 -13.21 -1.80 7.14
N TYR A 439 -13.27 -2.16 8.42
CA TYR A 439 -12.08 -2.44 9.23
C TYR A 439 -10.97 -3.15 8.45
N GLY A 440 -9.76 -2.61 8.52
CA GLY A 440 -8.58 -3.31 8.06
C GLY A 440 -8.13 -4.41 9.02
N PHE A 441 -7.22 -5.26 8.55
CA PHE A 441 -6.62 -6.32 9.35
C PHE A 441 -6.15 -5.77 10.70
N GLU A 442 -6.51 -6.41 11.79
CA GLU A 442 -6.11 -5.88 13.10
C GLU A 442 -5.60 -6.94 14.05
N THR A 443 -4.61 -6.53 14.82
CA THR A 443 -4.12 -7.37 15.89
C THR A 443 -3.53 -6.50 17.00
N PHE A 444 -3.87 -6.87 18.22
CA PHE A 444 -3.47 -6.17 19.41
C PHE A 444 -2.86 -7.24 20.32
N GLU A 445 -2.45 -6.82 21.51
CA GLU A 445 -1.94 -7.77 22.50
C GLU A 445 -3.01 -8.80 22.87
N ILE A 446 -4.24 -8.33 23.04
CA ILE A 446 -5.39 -9.19 23.31
C ILE A 446 -6.36 -9.12 22.13
N ASN A 447 -6.53 -10.26 21.46
CA ASN A 447 -7.46 -10.41 20.36
C ASN A 447 -8.56 -11.36 20.74
N SER A 448 -9.78 -11.03 20.35
CA SER A 448 -10.96 -11.78 20.72
C SER A 448 -11.84 -11.99 19.48
N PHE A 449 -13.11 -12.33 19.70
CA PHE A 449 -14.08 -12.59 18.64
C PHE A 449 -14.21 -11.46 17.60
N GLU A 450 -14.17 -10.22 18.08
CA GLU A 450 -14.29 -9.03 17.22
C GLU A 450 -13.18 -9.00 16.15
N GLN A 451 -11.94 -9.18 16.61
CA GLN A 451 -10.78 -9.23 15.71
C GLN A 451 -10.84 -10.41 14.75
N PHE A 452 -11.31 -11.55 15.25
CA PHE A 452 -11.43 -12.76 14.45
C PHE A 452 -12.36 -12.54 13.25
N CYS A 453 -13.51 -11.91 13.50
CA CYS A 453 -14.47 -11.65 12.41
C CYS A 453 -13.88 -10.68 11.40
N ILE A 454 -13.22 -9.63 11.89
CA ILE A 454 -12.60 -8.64 11.01
C ILE A 454 -11.52 -9.28 10.12
N ASN A 455 -10.70 -10.15 10.68
CA ASN A 455 -9.59 -10.71 9.93
C ASN A 455 -10.07 -11.76 8.93
N TYR A 456 -11.16 -12.43 9.26
CA TYR A 456 -11.89 -13.30 8.34
C TYR A 456 -12.38 -12.52 7.12
N ALA A 457 -13.04 -11.38 7.35
CA ALA A 457 -13.52 -10.52 6.26
C ALA A 457 -12.34 -10.11 5.37
N ASN A 458 -11.22 -9.75 6.01
CA ASN A 458 -10.03 -9.34 5.29
C ASN A 458 -9.38 -10.44 4.46
N GLU A 459 -9.43 -11.70 4.90
CA GLU A 459 -8.93 -12.81 4.06
C GLU A 459 -9.76 -12.92 2.79
N LYS A 460 -11.08 -12.76 2.89
CA LYS A 460 -11.97 -12.83 1.73
C LYS A 460 -11.71 -11.68 0.75
N LEU A 461 -11.50 -10.48 1.27
CA LEU A 461 -11.25 -9.28 0.44
C LEU A 461 -9.88 -9.33 -0.20
N GLN A 462 -8.91 -9.83 0.54
CA GLN A 462 -7.58 -10.07 0.02
C GLN A 462 -7.61 -11.09 -1.12
N GLN A 463 -8.41 -12.15 -0.97
CA GLN A 463 -8.52 -13.18 -1.99
C GLN A 463 -9.04 -12.58 -3.30
N GLN A 464 -10.05 -11.71 -3.22
CA GLN A 464 -10.56 -11.03 -4.40
C GLN A 464 -9.43 -10.23 -5.07
N PHE A 465 -8.69 -9.47 -4.27
CA PHE A 465 -7.59 -8.66 -4.78
C PHE A 465 -6.53 -9.53 -5.47
N ASN A 466 -6.09 -10.59 -4.79
CA ASN A 466 -5.04 -11.44 -5.33
C ASN A 466 -5.48 -12.10 -6.64
N MET A 467 -6.75 -12.47 -6.72
CA MET A 467 -7.28 -13.15 -7.91
C MET A 467 -7.48 -12.16 -9.04
N HIS A 468 -7.84 -10.93 -8.72
CA HIS A 468 -7.97 -9.89 -9.74
C HIS A 468 -6.64 -9.59 -10.39
N VAL A 469 -5.60 -9.41 -9.58
CA VAL A 469 -4.25 -9.20 -10.07
C VAL A 469 -3.77 -10.37 -10.92
N PHE A 470 -3.99 -11.59 -10.44
CA PHE A 470 -3.66 -12.78 -11.22
C PHE A 470 -4.35 -12.81 -12.59
N LYS A 471 -5.65 -12.51 -12.63
CA LYS A 471 -6.38 -12.58 -13.90
C LYS A 471 -5.83 -11.57 -14.92
N LEU A 472 -5.54 -10.37 -14.46
CA LEU A 472 -4.91 -9.34 -15.28
C LEU A 472 -3.54 -9.80 -15.82
N GLU A 473 -2.74 -10.39 -14.94
CA GLU A 473 -1.42 -10.89 -15.30
C GLU A 473 -1.52 -12.03 -16.32
N GLN A 474 -2.45 -12.95 -16.08
CA GLN A 474 -2.64 -14.12 -16.93
C GLN A 474 -3.00 -13.66 -18.34
N GLU A 475 -3.82 -12.62 -18.43
CA GLU A 475 -4.19 -12.05 -19.72
C GLU A 475 -2.99 -11.47 -20.46
N GLU A 476 -2.06 -10.81 -19.76
CA GLU A 476 -0.85 -10.29 -20.39
C GLU A 476 0.06 -11.39 -20.97
N TYR A 477 0.19 -12.50 -20.23
CA TYR A 477 1.04 -13.61 -20.65
C TYR A 477 0.38 -14.34 -21.84
N MET A 478 -0.93 -14.55 -21.77
CA MET A 478 -1.66 -15.22 -22.85
C MET A 478 -1.61 -14.44 -24.18
N LYS A 479 -1.70 -13.12 -24.13
CA LYS A 479 -1.57 -12.29 -25.33
C LYS A 479 -0.19 -12.44 -25.98
N GLU A 480 0.82 -12.64 -25.17
CA GLU A 480 2.17 -12.80 -25.65
C GLU A 480 2.58 -14.25 -25.94
N GLN A 481 1.66 -15.18 -25.72
CA GLN A 481 1.92 -16.62 -25.89
C GLN A 481 3.13 -17.07 -25.04
N ILE A 482 3.21 -16.53 -23.83
CA ILE A 482 4.15 -17.00 -22.82
C ILE A 482 3.32 -17.77 -21.77
N PRO A 483 3.74 -18.98 -21.41
CA PRO A 483 2.95 -19.82 -20.51
C PRO A 483 2.53 -19.11 -19.21
N TRP A 484 1.24 -19.05 -18.95
CA TRP A 484 0.75 -18.35 -17.77
C TRP A 484 1.04 -19.11 -16.46
N THR A 485 1.46 -20.37 -16.58
CA THR A 485 1.92 -21.16 -15.44
C THR A 485 3.24 -20.68 -14.85
N LEU A 486 3.88 -19.69 -15.49
CA LEU A 486 5.01 -19.02 -14.88
C LEU A 486 4.60 -17.98 -13.84
N ILE A 487 3.30 -17.73 -13.70
CA ILE A 487 2.81 -16.72 -12.75
C ILE A 487 2.56 -17.31 -11.35
N ASP A 488 3.07 -16.59 -10.35
CA ASP A 488 2.89 -16.88 -8.93
C ASP A 488 1.69 -16.07 -8.42
N PHE A 489 1.01 -16.61 -7.42
CA PHE A 489 0.04 -15.83 -6.67
C PHE A 489 -0.15 -16.34 -5.26
N TYR A 490 -0.61 -15.44 -4.39
CA TYR A 490 -0.85 -15.75 -3.01
C TYR A 490 -2.26 -16.31 -2.81
N ASP A 491 -2.31 -17.47 -2.15
CA ASP A 491 -3.54 -18.23 -1.96
C ASP A 491 -4.05 -18.10 -0.52
N ASN A 492 -5.16 -17.37 -0.36
CA ASN A 492 -5.83 -17.18 0.92
C ASN A 492 -6.76 -18.35 1.27
N GLN A 493 -7.01 -19.27 0.34
CA GLN A 493 -8.06 -20.28 0.52
C GLN A 493 -7.83 -21.25 1.70
N PRO A 494 -6.60 -21.74 1.92
CA PRO A 494 -6.34 -22.57 3.11
C PRO A 494 -6.67 -21.88 4.45
N CYS A 495 -6.35 -20.60 4.60
CA CYS A 495 -6.76 -19.85 5.80
C CYS A 495 -8.27 -19.76 5.92
N ILE A 496 -8.92 -19.41 4.80
CA ILE A 496 -10.36 -19.31 4.72
C ILE A 496 -11.04 -20.64 5.11
N ASN A 497 -10.51 -21.76 4.62
CA ASN A 497 -11.06 -23.07 4.97
C ASN A 497 -10.96 -23.36 6.47
N LEU A 498 -9.82 -23.04 7.06
CA LEU A 498 -9.65 -23.22 8.51
C LEU A 498 -10.71 -22.44 9.28
N ILE A 499 -11.05 -21.25 8.81
CA ILE A 499 -12.04 -20.43 9.48
C ILE A 499 -13.48 -20.91 9.25
N GLU A 500 -13.86 -21.13 8.00
CA GLU A 500 -15.28 -21.24 7.63
C GLU A 500 -15.77 -22.62 7.17
N ALA A 501 -14.87 -23.57 6.91
CA ALA A 501 -15.32 -24.87 6.39
C ALA A 501 -15.85 -25.75 7.54
N LYS A 502 -16.49 -26.86 7.17
CA LYS A 502 -16.94 -27.83 8.16
C LYS A 502 -15.77 -28.28 9.02
N MET A 503 -16.02 -28.36 10.32
CA MET A 503 -15.02 -28.69 11.35
C MET A 503 -13.99 -27.57 11.60
N GLY A 504 -14.19 -26.41 10.94
CA GLY A 504 -13.31 -25.27 11.12
C GLY A 504 -13.61 -24.51 12.39
N VAL A 505 -12.97 -23.36 12.58
CA VAL A 505 -13.05 -22.63 13.85
C VAL A 505 -14.49 -22.20 14.16
N LEU A 506 -15.18 -21.59 13.19
CA LEU A 506 -16.53 -21.09 13.39
C LEU A 506 -17.56 -22.19 13.57
N ASP A 507 -17.40 -23.29 12.82
CA ASP A 507 -18.31 -24.43 12.91
C ASP A 507 -18.18 -25.07 14.29
N LEU A 508 -16.95 -25.22 14.75
CA LEU A 508 -16.69 -25.79 16.08
C LEU A 508 -17.24 -24.88 17.19
N LEU A 509 -17.17 -23.56 16.99
CA LEU A 509 -17.70 -22.60 17.95
C LEU A 509 -19.23 -22.76 18.07
N ASP A 510 -19.91 -22.80 16.92
CA ASP A 510 -21.37 -22.99 16.92
C ASP A 510 -21.76 -24.32 17.60
N GLU A 511 -21.00 -25.39 17.33
CA GLU A 511 -21.29 -26.70 17.94
C GLU A 511 -21.09 -26.68 19.45
N GLU A 512 -20.07 -25.99 19.94
CA GLU A 512 -19.84 -25.91 21.37
C GLU A 512 -20.93 -25.08 22.04
N CYS A 513 -21.42 -24.05 21.35
CA CYS A 513 -22.45 -23.17 21.88
C CYS A 513 -23.78 -23.88 22.13
N LYS A 514 -24.07 -24.98 21.44
CA LYS A 514 -25.33 -25.67 21.69
C LYS A 514 -25.28 -26.77 22.76
N MET A 515 -24.09 -26.99 23.33
CA MET A 515 -23.88 -27.94 24.42
C MET A 515 -24.07 -27.23 25.77
N PRO A 516 -24.96 -27.73 26.63
CA PRO A 516 -25.18 -27.15 27.98
C PRO A 516 -23.91 -26.90 28.80
N LYS A 517 -22.97 -27.83 28.73
CA LYS A 517 -21.73 -27.74 29.51
C LYS A 517 -20.58 -27.12 28.68
N GLY A 518 -20.87 -26.78 27.43
CA GLY A 518 -19.91 -26.10 26.57
C GLY A 518 -19.36 -24.81 27.17
N SER A 519 -18.05 -24.63 27.07
CA SER A 519 -17.37 -23.47 27.62
C SER A 519 -16.18 -23.06 26.72
N ASP A 520 -15.56 -21.94 27.06
CA ASP A 520 -14.40 -21.46 26.33
C ASP A 520 -13.28 -22.50 26.42
N ASP A 521 -13.20 -23.18 27.57
CA ASP A 521 -12.16 -24.18 27.83
C ASP A 521 -12.41 -25.47 27.05
N THR A 522 -13.64 -25.95 26.98
CA THR A 522 -13.91 -27.17 26.23
C THR A 522 -13.80 -26.89 24.72
N TRP A 523 -14.15 -25.68 24.32
CA TRP A 523 -14.02 -25.28 22.91
C TRP A 523 -12.55 -25.26 22.51
N ALA A 524 -11.70 -24.66 23.34
CA ALA A 524 -10.28 -24.64 23.06
C ALA A 524 -9.76 -26.07 22.84
N GLN A 525 -10.16 -27.01 23.69
CA GLN A 525 -9.70 -28.39 23.52
C GLN A 525 -10.23 -29.01 22.23
N LYS A 526 -11.45 -28.67 21.83
CA LYS A 526 -12.00 -29.12 20.56
C LYS A 526 -11.18 -28.59 19.38
N LEU A 527 -10.77 -27.32 19.45
CA LEU A 527 -9.92 -26.73 18.41
C LEU A 527 -8.61 -27.53 18.29
N TYR A 528 -7.98 -27.83 19.43
CA TYR A 528 -6.73 -28.56 19.44
C TYR A 528 -6.87 -29.97 18.89
N ASN A 529 -7.89 -30.70 19.33
CA ASN A 529 -8.17 -32.06 18.86
C ASN A 529 -8.27 -32.13 17.34
N THR A 530 -8.93 -31.12 16.75
CA THR A 530 -9.24 -31.14 15.33
C THR A 530 -8.10 -30.61 14.45
N HIS A 531 -7.43 -29.56 14.91
CA HIS A 531 -6.52 -28.80 14.05
C HIS A 531 -5.04 -28.81 14.43
N LEU A 532 -4.74 -29.01 15.70
CA LEU A 532 -3.34 -28.98 16.14
C LEU A 532 -2.53 -30.10 15.47
N ASN A 533 -1.39 -29.74 14.90
CA ASN A 533 -0.54 -30.64 14.10
C ASN A 533 -1.14 -31.15 12.79
N LYS A 534 -2.35 -30.72 12.45
CA LYS A 534 -3.07 -31.21 11.27
C LYS A 534 -3.44 -30.11 10.27
N CYS A 535 -3.15 -28.86 10.63
CA CYS A 535 -3.31 -27.73 9.72
C CYS A 535 -2.13 -26.80 9.95
N ALA A 536 -1.33 -26.61 8.90
CA ALA A 536 -0.10 -25.81 9.02
C ALA A 536 -0.37 -24.36 9.43
N LEU A 537 -1.60 -23.90 9.24
CA LEU A 537 -1.99 -22.52 9.60
C LEU A 537 -2.52 -22.36 11.03
N PHE A 538 -2.60 -23.45 11.79
CA PHE A 538 -3.13 -23.42 13.16
C PHE A 538 -2.01 -23.80 14.13
N GLU A 539 -1.82 -22.99 15.16
CA GLU A 539 -0.85 -23.26 16.22
C GLU A 539 -1.45 -23.01 17.58
N LYS A 540 -0.87 -23.64 18.60
CA LYS A 540 -1.25 -23.41 20.00
C LYS A 540 -0.08 -22.67 20.68
N PRO A 541 -0.33 -21.61 21.44
CA PRO A 541 0.74 -20.97 22.20
C PRO A 541 1.40 -21.93 23.20
N ARG A 542 2.69 -21.79 23.39
CA ARG A 542 3.47 -22.77 24.16
C ARG A 542 3.14 -22.81 25.65
N LEU A 543 2.64 -21.70 26.20
CA LEU A 543 2.32 -21.59 27.62
C LEU A 543 0.84 -21.35 27.93
N SER A 544 -0.04 -21.69 27.00
CA SER A 544 -1.47 -21.47 27.23
C SER A 544 -2.32 -22.60 26.67
N ASN A 545 -3.35 -22.95 27.40
CA ASN A 545 -4.37 -23.88 26.95
C ASN A 545 -5.70 -23.17 26.65
N LYS A 546 -5.68 -21.84 26.55
CA LYS A 546 -6.91 -21.06 26.42
C LYS A 546 -6.79 -20.05 25.28
N ALA A 547 -5.97 -20.37 24.29
CA ALA A 547 -5.75 -19.49 23.15
C ALA A 547 -5.32 -20.29 21.92
N PHE A 548 -5.47 -19.69 20.74
CA PHE A 548 -5.04 -20.31 19.50
C PHE A 548 -4.47 -19.28 18.56
N ILE A 549 -3.65 -19.74 17.62
CA ILE A 549 -2.97 -18.87 16.68
C ILE A 549 -3.38 -19.24 15.26
N ILE A 550 -3.73 -18.23 14.47
CA ILE A 550 -4.02 -18.41 13.04
C ILE A 550 -2.96 -17.65 12.25
N LYS A 551 -2.37 -18.33 11.26
CA LYS A 551 -1.45 -17.69 10.32
C LYS A 551 -2.30 -17.06 9.24
N HIS A 552 -2.50 -15.76 9.35
CA HIS A 552 -3.20 -14.97 8.36
C HIS A 552 -2.23 -14.44 7.33
N PHE A 553 -2.79 -13.88 6.26
CA PHE A 553 -2.00 -13.36 5.16
C PHE A 553 -0.96 -12.34 5.63
N ALA A 554 -1.32 -11.53 6.64
CA ALA A 554 -0.49 -10.41 7.08
C ALA A 554 0.49 -10.75 8.20
N ASP A 555 0.08 -11.66 9.09
CA ASP A 555 0.84 -12.05 10.26
C ASP A 555 0.12 -13.19 10.96
N LYS A 556 0.82 -13.82 11.89
CA LYS A 556 0.19 -14.71 12.85
C LYS A 556 -0.55 -13.89 13.88
N VAL A 557 -1.74 -14.35 14.26
CA VAL A 557 -2.56 -13.68 15.26
C VAL A 557 -2.97 -14.68 16.32
N GLU A 558 -2.64 -14.36 17.57
CA GLU A 558 -3.08 -15.16 18.71
C GLU A 558 -4.40 -14.59 19.23
N TYR A 559 -5.40 -15.47 19.29
CA TYR A 559 -6.71 -15.13 19.83
C TYR A 559 -6.93 -15.80 21.19
N GLN A 560 -7.38 -15.03 22.17
CA GLN A 560 -7.78 -15.59 23.47
C GLN A 560 -9.19 -16.16 23.34
N CYS A 561 -9.40 -17.36 23.84
CA CYS A 561 -10.71 -17.99 23.79
C CYS A 561 -11.74 -17.34 24.71
N GLU A 562 -11.29 -16.63 25.73
CA GLU A 562 -12.17 -16.06 26.75
C GLU A 562 -13.27 -15.19 26.14
N GLY A 563 -14.52 -15.54 26.42
CA GLY A 563 -15.67 -14.79 25.93
C GLY A 563 -16.17 -15.13 24.53
N PHE A 564 -15.52 -16.06 23.82
CA PHE A 564 -15.91 -16.36 22.44
C PHE A 564 -17.33 -16.94 22.39
N LEU A 565 -17.65 -17.86 23.29
CA LEU A 565 -18.97 -18.48 23.29
C LEU A 565 -20.05 -17.45 23.64
N GLU A 566 -19.79 -16.62 24.64
CA GLU A 566 -20.78 -15.60 25.06
C GLU A 566 -21.00 -14.55 23.97
N LYS A 567 -19.91 -14.14 23.31
CA LYS A 567 -20.03 -13.18 22.20
C LYS A 567 -20.72 -13.78 20.99
N ASN A 568 -20.53 -15.08 20.76
CA ASN A 568 -21.17 -15.77 19.64
C ASN A 568 -22.66 -15.90 19.89
N LYS A 569 -23.04 -16.14 21.15
CA LYS A 569 -24.44 -16.33 21.52
C LYS A 569 -25.22 -15.00 21.56
N ASP A 570 -24.56 -13.96 22.10
CA ASP A 570 -25.09 -12.60 22.25
C ASP A 570 -26.49 -12.58 22.90
N THR A 571 -26.58 -13.22 24.08
CA THR A 571 -27.85 -13.46 24.77
C THR A 571 -28.44 -12.17 25.35
N VAL A 572 -29.74 -12.00 25.20
CA VAL A 572 -30.50 -10.94 25.87
C VAL A 572 -31.72 -11.60 26.55
N TYR A 573 -32.06 -11.19 27.77
CA TYR A 573 -33.21 -11.78 28.47
C TYR A 573 -34.51 -11.48 27.71
N GLU A 574 -35.15 -12.53 27.21
CA GLU A 574 -36.40 -12.37 26.44
C GLU A 574 -37.49 -11.58 27.20
N GLU A 575 -37.60 -11.76 28.51
CA GLU A 575 -38.68 -11.11 29.27
C GLU A 575 -38.51 -9.61 29.28
N GLN A 576 -37.26 -9.14 29.31
CA GLN A 576 -36.97 -7.71 29.24
C GLN A 576 -37.37 -7.12 27.88
N ILE A 577 -37.08 -7.85 26.82
CA ILE A 577 -37.43 -7.40 25.47
C ILE A 577 -38.97 -7.38 25.29
N LYS A 578 -39.65 -8.38 25.83
CA LYS A 578 -41.11 -8.47 25.74
C LYS A 578 -41.78 -7.27 26.40
N VAL A 579 -41.21 -6.77 27.50
CA VAL A 579 -41.73 -5.56 28.12
C VAL A 579 -41.67 -4.37 27.15
N LEU A 580 -40.53 -4.18 26.49
CA LEU A 580 -40.39 -3.07 25.55
C LEU A 580 -41.30 -3.24 24.33
N LYS A 581 -41.37 -4.45 23.83
CA LYS A 581 -42.20 -4.79 22.67
C LYS A 581 -43.68 -4.47 22.92
N SER A 582 -44.11 -4.61 24.17
CA SER A 582 -45.51 -4.45 24.56
C SER A 582 -45.89 -3.00 24.87
N SER A 583 -44.94 -2.07 24.73
CA SER A 583 -45.25 -0.64 24.85
C SER A 583 -46.49 -0.26 24.02
N LYS A 584 -47.44 0.40 24.66
CA LYS A 584 -48.79 0.55 24.11
C LYS A 584 -49.02 1.82 23.29
N LYS A 585 -48.38 2.93 23.69
CA LYS A 585 -48.59 4.23 23.07
C LYS A 585 -47.33 4.90 22.49
N PHE A 586 -46.24 4.14 22.33
CA PHE A 586 -45.01 4.66 21.74
C PHE A 586 -44.75 3.85 20.48
N LYS A 587 -45.11 4.39 19.32
CA LYS A 587 -45.13 3.62 18.08
C LYS A 587 -43.76 3.10 17.64
N LEU A 588 -42.71 3.90 17.81
CA LEU A 588 -41.40 3.53 17.28
C LEU A 588 -40.85 2.29 17.98
N LEU A 589 -41.01 2.21 19.30
CA LEU A 589 -40.28 1.22 20.08
C LEU A 589 -40.52 -0.22 19.62
N PRO A 590 -41.78 -0.67 19.54
CA PRO A 590 -42.06 -2.00 19.00
C PRO A 590 -41.56 -2.24 17.57
N GLU A 591 -41.46 -1.19 16.74
CA GLU A 591 -40.90 -1.34 15.40
C GLU A 591 -39.44 -1.85 15.43
N LEU A 592 -38.71 -1.61 16.51
CA LEU A 592 -37.31 -2.07 16.64
C LEU A 592 -37.16 -3.58 16.79
N PHE A 593 -38.21 -4.29 17.21
CA PHE A 593 -38.09 -5.70 17.57
C PHE A 593 -39.00 -6.64 16.76
N GLN A 594 -39.16 -6.38 15.47
CA GLN A 594 -39.98 -7.20 14.60
C GLN A 594 -39.21 -8.37 13.99
N LYS A 634 -29.94 -17.60 14.78
CA LYS A 634 -28.55 -17.91 14.45
C LYS A 634 -27.58 -17.17 15.38
N THR A 635 -26.41 -17.76 15.57
CA THR A 635 -25.34 -17.13 16.34
C THR A 635 -24.79 -15.94 15.57
N VAL A 636 -23.97 -15.14 16.25
CA VAL A 636 -23.35 -13.99 15.60
C VAL A 636 -22.40 -14.47 14.50
N GLY A 637 -21.64 -15.52 14.77
CA GLY A 637 -20.69 -16.04 13.81
C GLY A 637 -21.35 -16.58 12.56
N HIS A 638 -22.46 -17.28 12.73
CA HIS A 638 -23.20 -17.83 11.59
C HIS A 638 -23.82 -16.70 10.75
N GLN A 639 -24.41 -15.71 11.41
CA GLN A 639 -24.99 -14.57 10.72
C GLN A 639 -23.93 -13.75 10.00
N PHE A 640 -22.75 -13.64 10.60
CA PHE A 640 -21.68 -12.92 9.94
C PHE A 640 -21.16 -13.68 8.73
N ARG A 641 -20.97 -14.99 8.87
CA ARG A 641 -20.59 -15.80 7.72
C ARG A 641 -21.57 -15.58 6.54
N ASN A 642 -22.87 -15.63 6.82
CA ASN A 642 -23.86 -15.45 5.75
C ASN A 642 -23.78 -14.05 5.13
N SER A 643 -23.67 -13.02 5.94
CA SER A 643 -23.67 -11.65 5.41
C SER A 643 -22.38 -11.37 4.63
N LEU A 644 -21.26 -11.95 5.07
CA LEU A 644 -19.99 -11.80 4.37
C LEU A 644 -20.06 -12.50 3.01
N HIS A 645 -20.69 -13.68 2.97
CA HIS A 645 -20.90 -14.42 1.73
C HIS A 645 -21.71 -13.58 0.73
N LEU A 646 -22.77 -12.93 1.22
CA LEU A 646 -23.60 -12.08 0.38
C LEU A 646 -22.85 -10.84 -0.14
N LEU A 647 -21.96 -10.29 0.68
CA LEU A 647 -21.12 -9.17 0.25
C LEU A 647 -20.16 -9.62 -0.86
N MET A 648 -19.52 -10.77 -0.65
CA MET A 648 -18.56 -11.26 -1.63
C MET A 648 -19.25 -11.65 -2.94
N GLU A 649 -20.45 -12.20 -2.86
CA GLU A 649 -21.23 -12.52 -4.06
C GLU A 649 -21.43 -11.26 -4.89
N THR A 650 -21.73 -10.15 -4.23
CA THR A 650 -21.92 -8.87 -4.90
C THR A 650 -20.61 -8.36 -5.48
N LEU A 651 -19.56 -8.33 -4.65
CA LEU A 651 -18.29 -7.77 -5.06
C LEU A 651 -17.59 -8.58 -6.15
N ASN A 652 -17.67 -9.90 -6.08
CA ASN A 652 -17.03 -10.76 -7.09
C ASN A 652 -17.61 -10.59 -8.50
N ALA A 653 -18.85 -10.10 -8.59
CA ALA A 653 -19.46 -9.80 -9.89
C ALA A 653 -19.23 -8.34 -10.33
N THR A 654 -18.28 -7.64 -9.69
CA THR A 654 -17.86 -6.32 -10.14
C THR A 654 -16.40 -6.33 -10.53
N THR A 655 -15.98 -5.25 -11.18
CA THR A 655 -14.57 -4.96 -11.35
C THR A 655 -14.15 -4.07 -10.17
N PRO A 656 -13.23 -4.55 -9.33
CA PRO A 656 -12.77 -3.75 -8.18
C PRO A 656 -11.65 -2.75 -8.49
N HIS A 657 -11.66 -1.64 -7.74
CA HIS A 657 -10.66 -0.58 -7.78
C HIS A 657 -10.19 -0.32 -6.34
N TYR A 658 -8.88 -0.41 -6.10
CA TYR A 658 -8.34 -0.46 -4.75
C TYR A 658 -7.65 0.83 -4.34
N VAL A 659 -7.94 1.27 -3.12
CA VAL A 659 -7.28 2.39 -2.49
C VAL A 659 -6.72 1.92 -1.16
N ARG A 660 -5.41 2.01 -0.98
CA ARG A 660 -4.74 1.53 0.23
C ARG A 660 -4.30 2.74 1.04
N CYS A 661 -5.02 3.01 2.12
CA CYS A 661 -4.73 4.15 2.99
C CYS A 661 -3.71 3.75 4.04
N ILE A 662 -2.76 4.65 4.31
CA ILE A 662 -1.70 4.43 5.27
C ILE A 662 -1.72 5.56 6.31
N LYS A 663 -1.67 5.19 7.59
CA LYS A 663 -1.59 6.13 8.70
C LYS A 663 -0.09 6.26 9.04
N PRO A 664 0.54 7.36 8.65
CA PRO A 664 2.00 7.43 8.67
C PRO A 664 2.62 7.66 10.05
N ASN A 665 1.83 8.11 11.02
CA ASN A 665 2.27 8.18 12.41
C ASN A 665 1.10 7.95 13.37
N ASP A 666 1.39 7.65 14.63
CA ASP A 666 0.35 7.26 15.58
C ASP A 666 -0.18 8.41 16.47
N PHE A 667 0.09 9.66 16.09
CA PHE A 667 -0.23 10.81 16.97
C PHE A 667 -0.94 11.96 16.27
N LYS A 668 -1.45 11.69 15.07
CA LYS A 668 -2.20 12.68 14.31
C LYS A 668 -1.36 13.91 14.00
N PHE A 669 -0.06 13.71 13.83
CA PHE A 669 0.85 14.82 13.50
C PHE A 669 0.80 15.10 12.00
N PRO A 670 0.71 16.38 11.62
CA PRO A 670 0.87 16.80 10.22
C PRO A 670 2.14 16.26 9.56
N PHE A 671 2.02 15.70 8.36
CA PHE A 671 3.17 15.26 7.54
C PHE A 671 4.35 14.71 8.35
N THR A 672 4.08 13.63 9.08
CA THR A 672 5.09 12.95 9.86
C THR A 672 5.00 11.47 9.55
N PHE A 673 6.15 10.87 9.23
CA PHE A 673 6.23 9.53 8.63
C PHE A 673 7.16 8.62 9.41
N ASP A 674 6.64 7.46 9.82
CA ASP A 674 7.42 6.42 10.47
C ASP A 674 7.51 5.18 9.58
N GLU A 675 8.74 4.80 9.26
CA GLU A 675 9.03 3.77 8.28
C GLU A 675 8.54 2.40 8.75
N LYS A 676 8.80 2.06 10.00
CA LYS A 676 8.38 0.74 10.51
C LYS A 676 6.86 0.56 10.44
N ARG A 677 6.13 1.58 10.86
CA ARG A 677 4.67 1.52 10.84
C ARG A 677 4.14 1.52 9.41
N ALA A 678 4.81 2.25 8.52
CA ALA A 678 4.43 2.29 7.11
C ALA A 678 4.58 0.90 6.46
N VAL A 679 5.73 0.26 6.70
CA VAL A 679 6.00 -1.07 6.15
C VAL A 679 5.02 -2.11 6.70
N GLN A 680 4.73 -2.02 7.99
CA GLN A 680 3.73 -2.87 8.62
C GLN A 680 2.38 -2.78 7.91
N GLN A 681 2.01 -1.57 7.52
CA GLN A 681 0.70 -1.34 6.93
C GLN A 681 0.67 -1.79 5.47
N LEU A 682 1.79 -1.64 4.76
CA LEU A 682 1.90 -2.12 3.39
C LEU A 682 1.82 -3.66 3.36
N ARG A 683 2.38 -4.33 4.37
CA ARG A 683 2.19 -5.78 4.53
C ARG A 683 0.71 -6.14 4.80
N ALA A 684 0.08 -5.41 5.71
CA ALA A 684 -1.28 -5.74 6.15
C ALA A 684 -2.36 -5.52 5.12
N CYS A 685 -2.05 -4.84 4.01
CA CYS A 685 -3.02 -4.70 2.93
C CYS A 685 -2.60 -5.46 1.66
N GLY A 686 -1.55 -6.26 1.74
CA GLY A 686 -1.16 -7.20 0.69
C GLY A 686 -0.24 -6.63 -0.36
N VAL A 687 0.15 -5.37 -0.19
CA VAL A 687 0.96 -4.64 -1.17
C VAL A 687 2.38 -5.16 -1.26
N LEU A 688 3.03 -5.43 -0.13
CA LEU A 688 4.41 -5.93 -0.16
C LEU A 688 4.50 -7.28 -0.89
N GLU A 689 3.51 -8.14 -0.70
CA GLU A 689 3.53 -9.46 -1.34
C GLU A 689 3.29 -9.32 -2.85
N THR A 690 2.37 -8.43 -3.25
CA THR A 690 2.11 -8.12 -4.67
C THR A 690 3.38 -7.67 -5.36
N ILE A 691 4.08 -6.74 -4.72
CA ILE A 691 5.33 -6.20 -5.23
C ILE A 691 6.41 -7.29 -5.30
N ARG A 692 6.49 -8.12 -4.27
CA ARG A 692 7.46 -9.22 -4.28
C ARG A 692 7.20 -10.12 -5.47
N ILE A 693 5.95 -10.49 -5.67
CA ILE A 693 5.56 -11.35 -6.77
C ILE A 693 5.92 -10.74 -8.14
N SER A 694 5.53 -9.49 -8.36
CA SER A 694 5.83 -8.79 -9.61
C SER A 694 7.33 -8.77 -9.89
N ALA A 695 8.11 -8.41 -8.88
CA ALA A 695 9.56 -8.30 -8.99
C ALA A 695 10.24 -9.65 -9.30
N ALA A 696 9.70 -10.71 -8.71
CA ALA A 696 10.26 -12.06 -8.89
C ALA A 696 9.75 -12.75 -10.15
N GLY A 697 8.81 -12.13 -10.85
CA GLY A 697 8.26 -12.68 -12.09
C GLY A 697 9.05 -12.21 -13.29
N PHE A 698 8.35 -11.61 -14.25
CA PHE A 698 8.99 -11.04 -15.42
C PHE A 698 8.58 -9.57 -15.55
N PRO A 699 9.18 -8.68 -14.76
CA PRO A 699 8.77 -7.26 -14.75
C PRO A 699 9.22 -6.43 -15.96
N SER A 700 10.27 -6.84 -16.67
CA SER A 700 10.74 -6.06 -17.83
C SER A 700 10.20 -6.65 -19.12
N ARG A 701 9.59 -5.81 -19.96
CA ARG A 701 8.92 -6.27 -21.16
C ARG A 701 9.23 -5.35 -22.33
N TRP A 702 10.00 -5.85 -23.29
CA TRP A 702 10.52 -5.07 -24.42
C TRP A 702 10.06 -5.63 -25.76
N THR A 703 9.62 -4.77 -26.68
CA THR A 703 9.36 -5.24 -28.04
C THR A 703 10.69 -5.62 -28.68
N TYR A 704 10.67 -6.47 -29.69
CA TYR A 704 11.90 -6.86 -30.40
C TYR A 704 12.56 -5.64 -31.04
N GLN A 705 11.76 -4.70 -31.56
CA GLN A 705 12.26 -3.44 -32.12
C GLN A 705 13.03 -2.62 -31.09
N GLU A 706 12.46 -2.49 -29.88
CA GLU A 706 13.12 -1.79 -28.77
C GLU A 706 14.44 -2.48 -28.39
N PHE A 707 14.42 -3.82 -28.32
CA PHE A 707 15.60 -4.58 -27.95
C PHE A 707 16.72 -4.43 -28.99
N PHE A 708 16.36 -4.63 -30.26
CA PHE A 708 17.33 -4.53 -31.35
C PHE A 708 17.94 -3.13 -31.40
N SER A 709 17.09 -2.11 -31.31
CA SER A 709 17.56 -0.73 -31.37
C SER A 709 18.55 -0.42 -30.25
N ARG A 710 18.30 -0.91 -29.03
CA ARG A 710 19.16 -0.61 -27.88
C ARG A 710 20.44 -1.45 -27.83
N TYR A 711 20.35 -2.72 -28.19
CA TYR A 711 21.45 -3.65 -27.95
C TYR A 711 22.11 -4.15 -29.25
N ARG A 712 21.85 -3.47 -30.37
CA ARG A 712 22.52 -3.79 -31.66
C ARG A 712 24.04 -3.72 -31.52
N VAL A 713 24.49 -2.79 -30.71
CA VAL A 713 25.91 -2.59 -30.44
C VAL A 713 26.59 -3.81 -29.80
N LEU A 714 25.80 -4.67 -29.18
CA LEU A 714 26.29 -5.92 -28.57
C LEU A 714 26.38 -7.07 -29.58
N MET A 715 25.98 -6.84 -30.82
CA MET A 715 25.85 -7.90 -31.83
C MET A 715 26.99 -7.87 -32.85
N LYS A 716 27.46 -9.05 -33.24
CA LYS A 716 28.36 -9.17 -34.39
C LYS A 716 27.56 -8.99 -35.67
N GLN A 717 28.16 -8.34 -36.67
CA GLN A 717 27.49 -8.12 -37.95
C GLN A 717 26.98 -9.42 -38.57
N LYS A 718 27.70 -10.52 -38.35
CA LYS A 718 27.32 -11.83 -38.89
C LYS A 718 25.98 -12.37 -38.38
N ASP A 719 25.58 -11.97 -37.17
CA ASP A 719 24.33 -12.43 -36.55
C ASP A 719 23.09 -11.60 -36.92
N VAL A 720 23.27 -10.44 -37.54
CA VAL A 720 22.14 -9.57 -37.92
C VAL A 720 21.46 -10.11 -39.18
N LEU A 721 20.25 -10.65 -39.00
CA LEU A 721 19.43 -11.14 -40.09
C LEU A 721 18.37 -10.10 -40.48
N SER A 722 17.72 -10.30 -41.62
CA SER A 722 16.59 -9.46 -42.02
C SER A 722 15.44 -9.64 -41.03
N ASP A 723 15.28 -10.85 -40.52
CA ASP A 723 14.32 -11.14 -39.46
C ASP A 723 14.88 -10.62 -38.12
N ARG A 724 14.43 -9.45 -37.69
CA ARG A 724 14.95 -8.81 -36.49
C ARG A 724 14.59 -9.58 -35.22
N LYS A 725 13.38 -10.12 -35.15
CA LYS A 725 12.97 -10.95 -34.03
C LYS A 725 13.90 -12.16 -33.88
N GLN A 726 14.17 -12.86 -34.99
CA GLN A 726 15.08 -14.01 -34.95
C GLN A 726 16.50 -13.60 -34.53
N THR A 727 16.93 -12.41 -34.92
CA THR A 727 18.22 -11.89 -34.49
C THR A 727 18.27 -11.74 -32.97
N CYS A 728 17.23 -11.14 -32.40
CA CYS A 728 17.21 -10.85 -30.97
C CYS A 728 17.27 -12.14 -30.18
N LYS A 729 16.56 -13.16 -30.65
CA LYS A 729 16.55 -14.47 -30.01
C LYS A 729 17.96 -15.06 -30.00
N ASN A 730 18.59 -15.10 -31.18
CA ASN A 730 19.92 -15.71 -31.34
C ASN A 730 20.94 -15.00 -30.44
N VAL A 731 20.87 -13.68 -30.42
CA VAL A 731 21.84 -12.87 -29.69
C VAL A 731 21.65 -12.95 -28.17
N LEU A 732 20.40 -12.89 -27.72
CA LEU A 732 20.09 -12.92 -26.29
C LEU A 732 20.50 -14.25 -25.67
N GLU A 733 20.31 -15.35 -26.41
CA GLU A 733 20.70 -16.68 -25.93
C GLU A 733 22.22 -16.79 -25.71
N LYS A 734 23.00 -15.99 -26.44
CA LYS A 734 24.45 -15.93 -26.24
C LYS A 734 24.88 -14.97 -25.13
N LEU A 735 24.14 -13.87 -24.95
CA LEU A 735 24.51 -12.85 -23.95
C LEU A 735 24.13 -13.24 -22.53
N ILE A 736 23.02 -13.95 -22.39
CA ILE A 736 22.55 -14.46 -21.09
C ILE A 736 22.30 -15.94 -21.22
N LEU A 737 23.19 -16.76 -20.66
CA LEU A 737 23.15 -18.21 -20.88
C LEU A 737 21.99 -18.89 -20.15
N ASP A 738 21.64 -18.38 -18.97
CA ASP A 738 20.56 -18.97 -18.17
C ASP A 738 19.16 -18.66 -18.74
N LYS A 739 18.55 -19.66 -19.38
CA LYS A 739 17.23 -19.52 -19.99
C LYS A 739 16.08 -19.30 -18.99
N ASP A 740 16.34 -19.44 -17.70
CA ASP A 740 15.38 -19.07 -16.64
C ASP A 740 15.09 -17.55 -16.62
N LYS A 741 15.95 -16.76 -17.25
CA LYS A 741 15.96 -15.32 -17.06
C LYS A 741 15.12 -14.53 -18.06
N TYR A 742 14.62 -15.19 -19.09
CA TYR A 742 13.81 -14.53 -20.11
C TYR A 742 12.92 -15.50 -20.87
N GLN A 743 11.88 -14.96 -21.49
CA GLN A 743 10.94 -15.71 -22.28
C GLN A 743 10.65 -14.91 -23.55
N PHE A 744 10.62 -15.60 -24.68
CA PHE A 744 10.29 -14.99 -25.97
C PHE A 744 8.80 -15.02 -26.27
N GLY A 745 8.18 -13.85 -26.25
CA GLY A 745 6.78 -13.71 -26.62
C GLY A 745 6.54 -13.44 -28.11
N LYS A 746 5.26 -13.30 -28.46
CA LYS A 746 4.87 -13.02 -29.84
C LYS A 746 5.44 -11.66 -30.30
N THR A 747 5.28 -10.62 -29.47
CA THR A 747 5.79 -9.28 -29.84
C THR A 747 6.86 -8.74 -28.90
N LYS A 748 7.02 -9.37 -27.74
CA LYS A 748 7.91 -8.86 -26.71
C LYS A 748 8.81 -9.95 -26.12
N ILE A 749 9.94 -9.52 -25.56
CA ILE A 749 10.74 -10.37 -24.71
C ILE A 749 10.40 -9.99 -23.28
N PHE A 750 10.14 -10.99 -22.44
CA PHE A 750 9.91 -10.79 -21.00
C PHE A 750 11.21 -11.12 -20.27
N PHE A 751 11.63 -10.27 -19.34
CA PHE A 751 12.85 -10.48 -18.60
C PHE A 751 12.55 -10.47 -17.11
N ARG A 752 13.21 -11.37 -16.40
CA ARG A 752 13.25 -11.34 -14.94
C ARG A 752 14.03 -10.13 -14.43
N ALA A 753 13.93 -9.87 -13.13
CA ALA A 753 14.65 -8.75 -12.50
C ALA A 753 16.16 -8.81 -12.77
N GLY A 754 16.73 -7.64 -12.98
CA GLY A 754 18.16 -7.50 -13.11
C GLY A 754 18.73 -7.77 -14.49
N GLN A 755 17.95 -8.32 -15.40
CA GLN A 755 18.50 -8.73 -16.69
C GLN A 755 18.75 -7.54 -17.62
N VAL A 756 17.79 -6.63 -17.70
CA VAL A 756 17.96 -5.39 -18.47
C VAL A 756 19.10 -4.57 -17.86
N ALA A 757 19.20 -4.54 -16.54
CA ALA A 757 20.28 -3.83 -15.84
C ALA A 757 21.65 -4.42 -16.22
N TYR A 758 21.74 -5.74 -16.31
CA TYR A 758 22.96 -6.42 -16.73
C TYR A 758 23.33 -6.06 -18.17
N LEU A 759 22.34 -6.07 -19.05
CA LEU A 759 22.55 -5.72 -20.46
C LEU A 759 22.97 -4.27 -20.61
N GLU A 760 22.39 -3.39 -19.80
CA GLU A 760 22.80 -1.99 -19.73
C GLU A 760 24.24 -1.84 -19.26
N LYS A 761 24.66 -2.69 -18.33
CA LYS A 761 26.02 -2.68 -17.82
C LYS A 761 27.01 -3.10 -18.91
N ILE A 762 26.77 -4.24 -19.57
CA ILE A 762 27.69 -4.68 -20.62
C ILE A 762 27.62 -3.82 -21.87
N ARG A 763 26.49 -3.14 -22.09
CA ARG A 763 26.36 -2.17 -23.19
C ARG A 763 27.27 -0.96 -22.93
N ALA A 764 27.22 -0.47 -21.70
CA ALA A 764 28.06 0.64 -21.28
C ALA A 764 29.54 0.27 -21.36
N ASP A 765 29.87 -0.97 -20.97
CA ASP A 765 31.24 -1.50 -21.07
C ASP A 765 31.74 -1.48 -22.52
N LYS A 766 30.86 -1.90 -23.44
CA LYS A 766 31.19 -1.97 -24.86
C LYS A 766 31.48 -0.57 -25.41
N LEU A 767 30.61 0.38 -25.06
CA LEU A 767 30.76 1.77 -25.49
C LEU A 767 32.02 2.40 -24.88
N ARG A 768 32.34 2.03 -23.64
CA ARG A 768 33.47 2.60 -22.94
C ARG A 768 34.77 2.14 -23.61
N ALA A 769 34.86 0.83 -23.88
CA ALA A 769 36.04 0.23 -24.49
C ALA A 769 36.30 0.75 -25.90
N ALA A 770 35.24 0.89 -26.68
CA ALA A 770 35.32 1.42 -28.04
C ALA A 770 35.77 2.89 -28.01
N CYS A 771 35.25 3.63 -27.05
CA CYS A 771 35.59 5.03 -26.90
C CYS A 771 37.08 5.20 -26.52
N ILE A 772 37.57 4.33 -25.62
CA ILE A 772 38.97 4.36 -25.19
C ILE A 772 39.91 4.02 -26.36
N ARG A 773 39.49 3.13 -27.23
CA ARG A 773 40.30 2.77 -28.40
C ARG A 773 40.48 3.94 -29.35
N ILE A 774 39.39 4.69 -29.56
CA ILE A 774 39.44 5.86 -30.41
C ILE A 774 40.27 6.95 -29.74
N GLN A 775 40.15 7.09 -28.42
CA GLN A 775 40.80 8.16 -27.68
C GLN A 775 42.32 8.01 -27.72
N LYS A 776 42.80 6.79 -27.48
CA LYS A 776 44.24 6.52 -27.47
C LYS A 776 44.85 6.79 -28.86
N THR A 777 44.13 6.45 -29.92
CA THR A 777 44.58 6.74 -31.28
C THR A 777 44.70 8.24 -31.55
N ILE A 778 43.71 9.01 -31.08
CA ILE A 778 43.70 10.46 -31.29
C ILE A 778 44.80 11.14 -30.46
N ARG A 779 45.05 10.62 -29.26
CA ARG A 779 46.10 11.14 -28.39
C ARG A 779 47.48 10.90 -29.00
N GLY A 780 47.64 9.75 -29.66
CA GLY A 780 48.86 9.42 -30.37
C GLY A 780 49.12 10.37 -31.52
N TRP A 781 48.09 10.59 -32.33
CA TRP A 781 48.13 11.50 -33.47
C TRP A 781 48.42 12.94 -33.07
N LEU A 782 47.78 13.40 -32.00
CA LEU A 782 47.97 14.76 -31.51
C LEU A 782 49.41 14.99 -31.08
N MET A 783 50.01 13.98 -30.45
CA MET A 783 51.38 14.08 -29.96
C MET A 783 52.41 13.98 -31.08
N ARG A 784 52.10 13.20 -32.12
CA ARG A 784 52.96 13.10 -33.30
C ARG A 784 53.02 14.44 -34.05
N LYS A 785 51.91 15.18 -34.01
CA LYS A 785 51.83 16.49 -34.65
C LYS A 785 52.60 17.53 -33.83
N LYS A 786 52.46 17.47 -32.50
CA LYS A 786 53.15 18.37 -31.60
C LYS A 786 54.66 18.15 -31.64
N TYR A 787 55.07 16.89 -31.85
CA TYR A 787 56.48 16.53 -31.88
C TYR A 787 57.15 16.98 -33.18
N MET A 788 56.38 16.98 -34.27
CA MET A 788 56.88 17.49 -35.54
C MET A 788 57.03 19.01 -35.50
N ARG A 789 56.20 19.67 -34.70
CA ARG A 789 56.22 21.13 -34.57
C ARG A 789 57.44 21.59 -33.76
N MET A 790 57.71 20.91 -32.65
CA MET A 790 58.88 21.26 -31.83
C MET A 790 60.20 20.89 -32.53
N ARG A 791 60.18 19.82 -33.34
CA ARG A 791 61.31 19.48 -34.19
C ARG A 791 61.63 20.62 -35.15
N ARG A 792 60.59 21.29 -35.66
CA ARG A 792 60.73 22.38 -36.63
C ARG A 792 60.51 23.73 -35.97
N GLU B 11 67.14 7.94 -33.30
CA GLU B 11 65.80 8.55 -33.48
C GLU B 11 65.09 8.75 -32.14
N PHE B 12 65.09 7.71 -31.31
CA PHE B 12 64.48 7.77 -30.00
C PHE B 12 65.18 8.79 -29.09
N LYS B 13 66.49 8.94 -29.28
CA LYS B 13 67.28 9.89 -28.48
C LYS B 13 66.98 11.34 -28.83
N GLU B 14 66.86 11.63 -30.13
CA GLU B 14 66.51 12.97 -30.60
C GLU B 14 65.17 13.45 -30.05
N ALA B 15 64.27 12.50 -29.77
CA ALA B 15 62.96 12.80 -29.20
C ALA B 15 63.04 13.11 -27.72
N PHE B 16 63.65 12.21 -26.95
CA PHE B 16 63.74 12.36 -25.50
C PHE B 16 64.37 13.70 -25.08
N GLU B 17 65.36 14.16 -25.84
CA GLU B 17 66.08 15.40 -25.53
C GLU B 17 65.19 16.63 -25.71
N LEU B 18 64.39 16.63 -26.77
CA LEU B 18 63.47 17.74 -27.05
C LEU B 18 62.41 18.00 -25.95
N PHE B 19 62.10 17.00 -25.15
CA PHE B 19 61.08 17.15 -24.10
C PHE B 19 61.65 17.57 -22.73
N ASP B 20 62.97 17.48 -22.58
CA ASP B 20 63.66 18.02 -21.39
C ASP B 20 63.68 19.55 -21.48
N ARG B 21 62.90 20.20 -20.62
CA ARG B 21 62.80 21.66 -20.60
C ARG B 21 63.42 22.23 -19.31
N VAL B 22 64.68 21.90 -19.09
CA VAL B 22 65.39 22.34 -17.88
C VAL B 22 66.91 22.20 -18.05
N GLY B 23 67.37 20.98 -18.29
CA GLY B 23 68.78 20.70 -18.52
C GLY B 23 69.37 19.50 -17.77
N ASP B 24 68.56 18.83 -16.95
CA ASP B 24 69.06 17.75 -16.08
C ASP B 24 69.24 16.39 -16.78
N GLY B 25 69.08 16.36 -18.11
CA GLY B 25 69.12 15.12 -18.87
C GLY B 25 67.92 14.23 -18.59
N LYS B 26 66.80 14.84 -18.17
CA LYS B 26 65.63 14.09 -17.73
C LYS B 26 64.31 14.83 -17.99
N ILE B 27 63.33 14.10 -18.53
CA ILE B 27 61.98 14.60 -18.75
C ILE B 27 61.11 14.28 -17.53
N LEU B 28 60.11 15.12 -17.25
CA LEU B 28 59.21 14.91 -16.11
C LEU B 28 58.44 13.59 -16.23
N TYR B 29 57.86 13.15 -15.12
CA TYR B 29 57.13 11.88 -15.07
C TYR B 29 55.83 11.96 -15.87
N SER B 30 55.16 13.11 -15.78
CA SER B 30 53.91 13.35 -16.50
C SER B 30 54.11 13.46 -18.02
N GLN B 31 55.34 13.73 -18.45
CA GLN B 31 55.68 13.84 -19.87
C GLN B 31 56.01 12.50 -20.54
N CYS B 32 56.09 11.42 -19.77
CA CYS B 32 56.50 10.11 -20.30
C CYS B 32 55.54 9.54 -21.35
N GLY B 33 54.24 9.71 -21.11
CA GLY B 33 53.23 9.28 -22.07
C GLY B 33 53.35 10.06 -23.37
N ASP B 34 53.45 11.39 -23.26
CA ASP B 34 53.59 12.28 -24.40
C ASP B 34 54.74 11.87 -25.34
N VAL B 35 55.83 11.36 -24.75
CA VAL B 35 57.02 10.98 -25.52
C VAL B 35 56.82 9.67 -26.26
N MET B 36 56.22 8.69 -25.59
CA MET B 36 55.95 7.39 -26.21
C MET B 36 55.03 7.56 -27.42
N ARG B 37 54.06 8.46 -27.31
CA ARG B 37 53.14 8.76 -28.40
C ARG B 37 53.80 9.50 -29.55
N ALA B 38 54.76 10.37 -29.22
CA ALA B 38 55.54 11.08 -30.22
C ALA B 38 56.33 10.12 -31.11
N LEU B 39 56.78 9.00 -30.52
CA LEU B 39 57.57 8.00 -31.24
C LEU B 39 56.73 6.93 -31.95
N GLY B 40 55.41 7.09 -31.98
CA GLY B 40 54.53 6.23 -32.77
C GLY B 40 53.71 5.18 -32.02
N GLN B 41 53.73 5.23 -30.69
CA GLN B 41 52.95 4.29 -29.87
C GLN B 41 51.60 4.89 -29.46
N ASN B 42 50.62 4.01 -29.21
CA ASN B 42 49.26 4.43 -28.88
C ASN B 42 48.71 3.79 -27.60
N PRO B 43 49.35 4.02 -26.46
CA PRO B 43 48.86 3.49 -25.18
C PRO B 43 47.72 4.30 -24.61
N THR B 44 46.95 3.72 -23.69
CA THR B 44 45.94 4.45 -22.93
C THR B 44 46.62 5.10 -21.73
N ASN B 45 45.97 6.11 -21.15
CA ASN B 45 46.49 6.76 -19.94
C ASN B 45 46.76 5.77 -18.80
N ALA B 46 45.92 4.75 -18.66
CA ALA B 46 46.07 3.75 -17.61
C ALA B 46 47.25 2.80 -17.89
N GLU B 47 47.49 2.52 -19.17
CA GLU B 47 48.62 1.68 -19.59
C GLU B 47 49.97 2.33 -19.32
N VAL B 48 50.06 3.65 -19.48
CA VAL B 48 51.28 4.39 -19.17
C VAL B 48 51.42 4.61 -17.66
N LEU B 49 50.28 4.73 -16.96
CA LEU B 49 50.26 4.87 -15.50
C LEU B 49 50.56 3.54 -14.79
N LYS B 50 50.53 2.44 -15.54
CA LYS B 50 50.89 1.13 -14.99
C LYS B 50 52.41 1.00 -14.93
N VAL B 51 53.06 1.27 -16.06
CA VAL B 51 54.51 1.15 -16.18
C VAL B 51 55.29 2.20 -15.37
N LEU B 52 54.62 3.31 -15.04
CA LEU B 52 55.24 4.40 -14.29
C LEU B 52 54.84 4.41 -12.81
N GLY B 53 54.57 3.22 -12.24
CA GLY B 53 54.37 3.06 -10.82
C GLY B 53 52.99 3.41 -10.25
N ASN B 54 52.12 3.98 -11.08
CA ASN B 54 50.79 4.41 -10.64
C ASN B 54 50.84 5.36 -9.43
N PRO B 55 51.50 6.50 -9.60
CA PRO B 55 51.73 7.44 -8.49
C PRO B 55 50.55 8.38 -8.22
N LYS B 56 50.68 9.16 -7.15
CA LYS B 56 49.68 10.19 -6.82
C LYS B 56 50.00 11.49 -7.54
N SER B 57 49.17 12.51 -7.33
CA SER B 57 49.35 13.82 -7.99
C SER B 57 50.61 14.57 -7.58
N ASP B 58 51.25 14.12 -6.50
CA ASP B 58 52.53 14.68 -6.04
C ASP B 58 53.67 14.33 -7.00
N GLU B 59 53.84 13.04 -7.29
CA GLU B 59 54.97 12.55 -8.09
C GLU B 59 54.86 12.90 -9.57
N LEU B 60 53.64 12.84 -10.11
CA LEU B 60 53.39 13.16 -11.53
C LEU B 60 53.94 14.54 -11.89
N LYS B 61 53.82 15.49 -10.97
CA LYS B 61 54.35 16.84 -11.15
C LYS B 61 55.55 17.10 -10.24
N SER B 62 56.60 16.28 -10.39
CA SER B 62 57.82 16.41 -9.58
C SER B 62 58.96 15.52 -10.07
N ARG B 63 58.83 14.21 -9.84
CA ARG B 63 59.88 13.23 -10.16
C ARG B 63 60.32 13.27 -11.62
N ARG B 64 61.55 12.83 -11.88
CA ARG B 64 62.15 12.86 -13.21
C ARG B 64 62.93 11.59 -13.53
N VAL B 65 62.99 11.24 -14.81
CA VAL B 65 63.66 10.01 -15.27
C VAL B 65 64.52 10.27 -16.51
N ASP B 66 65.52 9.41 -16.72
CA ASP B 66 66.48 9.56 -17.82
C ASP B 66 66.12 8.67 -18.99
N PHE B 67 66.78 8.89 -20.13
CA PHE B 67 66.55 8.09 -21.34
C PHE B 67 66.99 6.63 -21.19
N GLU B 68 67.92 6.39 -20.26
CA GLU B 68 68.36 5.03 -19.93
C GLU B 68 67.28 4.27 -19.15
N THR B 69 66.64 4.94 -18.19
CA THR B 69 65.56 4.35 -17.40
C THR B 69 64.17 4.49 -18.05
N PHE B 70 64.12 5.11 -19.22
CA PHE B 70 62.87 5.31 -19.98
C PHE B 70 62.78 4.32 -21.16
N LEU B 71 63.90 3.76 -21.58
CA LEU B 71 63.94 2.81 -22.69
C LEU B 71 63.19 1.49 -22.42
N PRO B 72 63.26 0.94 -21.20
CA PRO B 72 62.49 -0.26 -20.85
C PRO B 72 60.97 -0.04 -20.72
N MET B 73 60.53 1.22 -20.75
CA MET B 73 59.11 1.55 -20.78
C MET B 73 58.58 1.63 -22.21
N LEU B 74 59.39 2.21 -23.10
CA LEU B 74 59.02 2.33 -24.51
C LEU B 74 58.91 0.95 -25.17
N GLN B 75 59.79 0.03 -24.78
CA GLN B 75 59.78 -1.34 -25.30
C GLN B 75 58.65 -2.17 -24.66
N ALA B 76 58.29 -1.84 -23.42
CA ALA B 76 57.20 -2.54 -22.72
C ALA B 76 55.85 -2.32 -23.39
N VAL B 77 55.64 -1.11 -23.91
CA VAL B 77 54.38 -0.74 -24.57
C VAL B 77 54.31 -1.28 -26.00
N ALA B 78 55.46 -1.62 -26.59
CA ALA B 78 55.53 -2.02 -28.00
C ALA B 78 55.32 -3.52 -28.26
N LYS B 79 54.31 -4.11 -27.61
CA LYS B 79 53.97 -5.52 -27.84
C LYS B 79 52.58 -5.89 -27.31
N ASP B 88 39.62 -3.64 -36.18
CA ASP B 88 40.77 -3.41 -35.33
C ASP B 88 40.53 -2.09 -34.54
N TYR B 89 41.23 -1.01 -34.89
CA TYR B 89 40.80 0.33 -34.50
C TYR B 89 39.51 0.68 -35.23
N LEU B 90 39.29 0.03 -36.37
CA LEU B 90 38.08 0.18 -37.17
C LEU B 90 36.83 -0.32 -36.42
N GLU B 91 36.97 -1.36 -35.59
CA GLU B 91 35.84 -1.91 -34.84
C GLU B 91 35.35 -0.97 -33.72
N GLY B 92 36.25 -0.12 -33.23
CA GLY B 92 35.86 0.91 -32.27
C GLY B 92 34.87 1.88 -32.88
N PHE B 93 35.14 2.34 -34.10
CA PHE B 93 34.26 3.29 -34.78
C PHE B 93 32.93 2.66 -35.17
N ARG B 94 32.98 1.41 -35.63
CA ARG B 94 31.80 0.69 -36.10
C ARG B 94 30.74 0.53 -35.01
N VAL B 95 31.15 0.62 -33.74
CA VAL B 95 30.24 0.60 -32.59
C VAL B 95 29.25 1.79 -32.57
N PHE B 96 29.71 2.97 -33.00
CA PHE B 96 28.86 4.16 -33.02
C PHE B 96 28.16 4.40 -34.36
N ASP B 97 28.25 3.42 -35.26
CA ASP B 97 27.57 3.43 -36.54
C ASP B 97 26.23 2.70 -36.37
N LYS B 98 25.18 3.47 -36.06
CA LYS B 98 23.86 2.93 -35.71
C LYS B 98 23.10 2.22 -36.84
N GLU B 99 23.50 2.43 -38.09
CA GLU B 99 22.87 1.79 -39.25
C GLU B 99 23.77 0.75 -39.93
N GLY B 100 25.05 0.71 -39.58
CA GLY B 100 26.04 -0.07 -40.31
C GLY B 100 26.46 0.49 -41.66
N ASN B 101 26.25 1.79 -41.87
CA ASN B 101 26.39 2.42 -43.19
C ASN B 101 27.70 3.18 -43.50
N GLY B 102 28.73 2.95 -42.70
CA GLY B 102 30.04 3.57 -42.92
C GLY B 102 30.21 4.99 -42.40
N LYS B 103 29.21 5.49 -41.69
CA LYS B 103 29.22 6.85 -41.14
C LYS B 103 28.93 6.86 -39.65
N VAL B 104 29.51 7.82 -38.95
CA VAL B 104 29.14 8.13 -37.57
C VAL B 104 28.83 9.62 -37.45
N MET B 105 27.96 9.98 -36.52
CA MET B 105 27.61 11.38 -36.31
C MET B 105 28.72 12.04 -35.50
N GLY B 106 29.30 13.10 -36.04
CA GLY B 106 30.33 13.88 -35.37
C GLY B 106 29.94 14.46 -34.01
N ALA B 107 28.66 14.79 -33.84
CA ALA B 107 28.16 15.32 -32.58
C ALA B 107 28.10 14.24 -31.51
N GLU B 108 27.69 13.03 -31.88
CA GLU B 108 27.74 11.89 -30.97
C GLU B 108 29.19 11.55 -30.61
N LEU B 109 30.09 11.68 -31.57
CA LEU B 109 31.50 11.36 -31.38
C LEU B 109 32.18 12.40 -30.47
N ARG B 110 31.80 13.67 -30.61
CA ARG B 110 32.25 14.74 -29.73
C ARG B 110 31.79 14.50 -28.30
N HIS B 111 30.55 14.05 -28.14
CA HIS B 111 29.96 13.85 -26.83
C HIS B 111 30.63 12.70 -26.10
N VAL B 112 30.78 11.55 -26.76
CA VAL B 112 31.35 10.38 -26.11
C VAL B 112 32.84 10.52 -25.85
N LEU B 113 33.56 11.22 -26.72
CA LEU B 113 35.00 11.39 -26.56
C LEU B 113 35.31 12.32 -25.38
N THR B 114 34.41 13.27 -25.10
CA THR B 114 34.59 14.22 -24.00
C THR B 114 33.95 13.81 -22.66
N THR B 115 33.09 12.78 -22.66
CA THR B 115 32.39 12.37 -21.43
C THR B 115 32.61 10.91 -20.98
N LEU B 116 32.82 10.00 -21.92
CA LEU B 116 33.10 8.60 -21.59
C LEU B 116 34.59 8.31 -21.63
N GLY B 117 34.97 7.19 -21.00
CA GLY B 117 36.34 6.70 -21.04
C GLY B 117 37.33 7.67 -20.43
N GLU B 118 38.51 7.74 -21.05
CA GLU B 118 39.56 8.67 -20.65
C GLU B 118 39.28 9.99 -21.34
N LYS B 119 38.50 10.83 -20.68
CA LYS B 119 37.89 12.01 -21.27
C LYS B 119 38.91 12.96 -21.92
N MET B 120 38.58 13.40 -23.14
CA MET B 120 39.39 14.40 -23.85
C MET B 120 38.70 15.76 -23.72
N THR B 121 39.48 16.83 -23.85
CA THR B 121 38.93 18.17 -23.75
C THR B 121 38.24 18.54 -25.04
N GLU B 122 37.42 19.58 -24.99
CA GLU B 122 36.70 20.08 -26.16
C GLU B 122 37.68 20.49 -27.25
N GLU B 123 38.80 21.10 -26.85
CA GLU B 123 39.81 21.57 -27.81
C GLU B 123 40.51 20.42 -28.55
N GLU B 124 40.88 19.37 -27.83
CA GLU B 124 41.58 18.22 -28.42
C GLU B 124 40.73 17.56 -29.51
N VAL B 125 39.45 17.36 -29.20
CA VAL B 125 38.52 16.74 -30.13
C VAL B 125 38.23 17.66 -31.32
N GLU B 126 38.10 18.97 -31.05
CA GLU B 126 37.85 19.95 -32.11
C GLU B 126 39.01 20.02 -33.09
N THR B 127 40.23 19.79 -32.60
CA THR B 127 41.43 19.80 -33.43
C THR B 127 41.44 18.65 -34.43
N VAL B 128 41.19 17.44 -33.93
CA VAL B 128 41.25 16.24 -34.77
C VAL B 128 40.07 16.12 -35.73
N LEU B 129 38.91 16.67 -35.35
CA LEU B 129 37.68 16.51 -36.11
C LEU B 129 37.43 17.61 -37.15
N ALA B 130 38.11 18.74 -37.02
CA ALA B 130 37.86 19.87 -37.92
C ALA B 130 38.13 19.49 -39.37
N GLY B 131 37.16 19.78 -40.24
CA GLY B 131 37.26 19.51 -41.67
C GLY B 131 36.81 18.12 -42.11
N HIS B 132 36.46 17.26 -41.16
CA HIS B 132 36.10 15.86 -41.47
C HIS B 132 34.58 15.60 -41.40
N GLU B 133 33.83 16.59 -40.94
CA GLU B 133 32.37 16.51 -40.87
C GLU B 133 31.74 17.06 -42.15
N ASP B 134 30.82 16.30 -42.73
CA ASP B 134 30.09 16.74 -43.92
C ASP B 134 28.91 17.61 -43.49
N SER B 135 28.10 18.06 -44.46
CA SER B 135 27.05 19.05 -44.18
C SER B 135 25.81 18.46 -43.47
N ASN B 136 25.72 17.13 -43.39
CA ASN B 136 24.70 16.46 -42.58
C ASN B 136 25.20 15.99 -41.21
N GLY B 137 26.39 16.48 -40.83
CA GLY B 137 26.99 16.15 -39.54
C GLY B 137 27.61 14.76 -39.41
N CYS B 138 27.97 14.14 -40.54
CA CYS B 138 28.51 12.78 -40.59
C CYS B 138 30.00 12.74 -40.93
N ILE B 139 30.69 11.75 -40.37
CA ILE B 139 32.10 11.50 -40.67
C ILE B 139 32.21 10.12 -41.31
N ASN B 140 32.88 10.05 -42.45
CA ASN B 140 33.18 8.78 -43.07
C ASN B 140 34.42 8.23 -42.38
N TYR B 141 34.22 7.26 -41.49
CA TYR B 141 35.25 6.92 -40.50
C TYR B 141 36.41 6.05 -40.97
N GLU B 142 36.29 5.40 -42.12
CA GLU B 142 37.41 4.63 -42.67
C GLU B 142 38.52 5.59 -43.09
N ALA B 143 38.13 6.68 -43.75
CA ALA B 143 39.07 7.70 -44.21
C ALA B 143 39.59 8.56 -43.06
N PHE B 144 38.76 8.76 -42.04
CA PHE B 144 39.16 9.49 -40.84
C PHE B 144 40.21 8.70 -40.06
N LEU B 145 40.01 7.39 -39.97
CA LEU B 145 40.93 6.51 -39.25
C LEU B 145 42.31 6.45 -39.90
N LYS B 146 42.34 6.43 -41.24
CA LYS B 146 43.60 6.41 -41.98
C LYS B 146 44.32 7.75 -41.86
N HIS B 147 43.57 8.83 -41.70
CA HIS B 147 44.16 10.15 -41.50
C HIS B 147 44.86 10.26 -40.15
N ILE B 148 44.27 9.65 -39.11
CA ILE B 148 44.85 9.70 -37.75
C ILE B 148 45.82 8.55 -37.47
N LEU B 149 46.19 7.81 -38.53
CA LEU B 149 47.27 6.85 -38.47
C LEU B 149 48.35 7.24 -39.49
MG MG C . -13.71 5.29 9.05
PB ADP D . -10.46 5.70 8.87
O1B ADP D . -10.43 5.19 10.25
O2B ADP D . -11.91 5.65 8.37
O3B ADP D . -9.47 4.92 8.02
PA ADP D . -10.63 8.54 8.64
O1A ADP D . -11.00 8.58 7.21
O2A ADP D . -11.79 8.82 9.60
O3A ADP D . -9.85 7.20 9.00
O5' ADP D . -9.47 9.63 8.91
C5' ADP D . -9.16 9.99 10.24
C4' ADP D . -8.77 11.47 10.26
O4' ADP D . -7.56 11.66 9.54
C3' ADP D . -9.77 12.42 9.62
O3' ADP D . -10.87 12.75 10.43
C2' ADP D . -8.89 13.60 9.32
O2' ADP D . -8.66 14.37 10.50
C1' ADP D . -7.60 12.92 8.88
N9 ADP D . -7.50 12.71 7.42
C8 ADP D . -7.61 11.53 6.73
N7 ADP D . -7.43 11.78 5.42
C5 ADP D . -7.22 13.11 5.27
C6 ADP D . -6.98 13.89 4.14
N6 ADP D . -6.93 13.35 2.92
N1 ADP D . -6.81 15.24 4.32
C2 ADP D . -6.84 15.81 5.57
N3 ADP D . -7.07 15.03 6.69
C4 ADP D . -7.25 13.70 6.52
BE BEF E . -11.29 4.23 11.08
F1 BEF E . -11.00 2.57 10.78
F2 BEF E . -12.94 4.44 10.68
F3 BEF E . -11.25 4.44 12.80
#